data_3OFK
#
_entry.id   3OFK
#
_cell.length_a   81.01
_cell.length_b   143.30
_cell.length_c   75.85
_cell.angle_alpha   90.00
_cell.angle_beta   90.00
_cell.angle_gamma   90.00
#
_symmetry.space_group_name_H-M   'P 21 21 2'
#
loop_
_entity.id
_entity.type
_entity.pdbx_description
1 polymer 'Nodulation protein S'
2 non-polymer S-ADENOSYL-L-HOMOCYSTEINE
3 water water
#
_entity_poly.entity_id   1
_entity_poly.type   'polypeptide(L)'
_entity_poly.pdbx_seq_one_letter_code
;GIDPFTMVSVDNTYQSLERELANDDPWRLDDNPFERERHTQLLRLSLSSGAVSNGLEIGCAAGAFTEKLAPHCKRLTVID
VMPRAIGRACQRTKRWSHISWAATDILQFSTAELFDLIVVAEVLYYLEDMTQMRTAIDNMVKMLAPGGHLVFGSARDATC
RRWGHVAGAETVITILTEALTEVERVQCQGQSADEDCLLARFRNPERSSIRPDGRA
;
_entity_poly.pdbx_strand_id   A,B,C,D
#
# COMPACT_ATOMS: atom_id res chain seq x y z
N ASP A 3 -29.75 7.87 -29.50
CA ASP A 3 -30.94 7.34 -28.77
C ASP A 3 -30.60 7.15 -27.30
N PRO A 4 -31.62 7.15 -26.42
CA PRO A 4 -31.40 7.03 -24.99
C PRO A 4 -31.15 5.59 -24.60
N PHE A 5 -30.41 5.41 -23.50
CA PHE A 5 -30.03 4.09 -23.06
C PHE A 5 -29.94 4.03 -21.52
N THR A 6 -29.92 2.81 -21.01
CA THR A 6 -29.91 2.51 -19.58
C THR A 6 -28.79 1.55 -19.25
N MET A 7 -28.07 1.87 -18.18
CA MET A 7 -27.02 1.02 -17.66
C MET A 7 -27.16 0.89 -16.13
N VAL A 8 -26.59 -0.18 -15.58
CA VAL A 8 -26.47 -0.35 -14.13
C VAL A 8 -25.84 0.91 -13.48
N SER A 9 -26.31 1.26 -12.30
CA SER A 9 -25.82 2.47 -11.61
C SER A 9 -25.32 2.13 -10.20
N VAL A 10 -24.06 2.49 -9.95
CA VAL A 10 -23.35 2.22 -8.67
C VAL A 10 -22.72 3.50 -8.03
N ASP A 11 -22.19 3.38 -6.82
CA ASP A 11 -21.60 4.53 -6.10
C ASP A 11 -20.14 4.86 -6.55
N ASN A 12 -19.44 3.90 -7.12
CA ASN A 12 -18.07 4.13 -7.48
C ASN A 12 -17.60 3.12 -8.53
N THR A 13 -16.42 3.37 -9.08
CA THR A 13 -15.93 2.57 -10.18
C THR A 13 -15.59 1.15 -9.70
N TYR A 14 -15.14 1.01 -8.46
CA TYR A 14 -14.90 -0.34 -7.95
C TYR A 14 -16.18 -1.19 -8.08
N GLN A 15 -17.32 -0.66 -7.63
CA GLN A 15 -18.56 -1.42 -7.63
C GLN A 15 -19.04 -1.73 -9.05
N SER A 16 -18.77 -0.80 -9.97
CA SER A 16 -19.10 -0.97 -11.36
C SER A 16 -18.36 -2.18 -11.93
N LEU A 17 -17.05 -2.20 -11.69
CA LEU A 17 -16.18 -3.30 -12.09
C LEU A 17 -16.64 -4.64 -11.48
N GLU A 18 -16.84 -4.65 -10.15
CA GLU A 18 -17.23 -5.82 -9.36
C GLU A 18 -18.57 -6.40 -9.87
N ARG A 19 -19.44 -5.52 -10.28
CA ARG A 19 -20.73 -5.94 -10.81
C ARG A 19 -20.58 -6.62 -12.17
N GLU A 20 -19.82 -6.01 -13.08
CA GLU A 20 -19.60 -6.62 -14.41
C GLU A 20 -18.87 -7.93 -14.30
N LEU A 21 -17.93 -8.02 -13.36
CA LEU A 21 -17.13 -9.25 -13.18
C LEU A 21 -17.91 -10.42 -12.54
N ALA A 22 -19.10 -10.13 -12.01
CA ALA A 22 -20.00 -11.14 -11.45
C ALA A 22 -21.02 -11.64 -12.47
N ASN A 23 -21.10 -10.97 -13.62
CA ASN A 23 -21.90 -11.45 -14.76
C ASN A 23 -21.23 -12.70 -15.34
N ASP A 24 -22.05 -13.65 -15.81
CA ASP A 24 -21.57 -14.80 -16.60
C ASP A 24 -20.60 -14.35 -17.71
N ASP A 25 -20.95 -13.31 -18.46
CA ASP A 25 -20.11 -12.80 -19.56
C ASP A 25 -19.85 -11.33 -19.29
N PRO A 26 -18.75 -11.01 -18.58
CA PRO A 26 -18.49 -9.60 -18.25
C PRO A 26 -18.34 -8.75 -19.49
N TRP A 27 -19.04 -7.62 -19.50
CA TRP A 27 -19.01 -6.69 -20.65
C TRP A 27 -19.48 -7.31 -21.97
N ARG A 28 -20.12 -8.47 -21.89
CA ARG A 28 -20.49 -9.23 -23.08
C ARG A 28 -19.35 -9.49 -24.09
N LEU A 29 -18.12 -9.59 -23.60
CA LEU A 29 -16.94 -9.73 -24.49
C LEU A 29 -16.91 -11.05 -25.27
N ASP A 30 -17.59 -12.07 -24.77
CA ASP A 30 -17.68 -13.34 -25.54
C ASP A 30 -18.82 -13.36 -26.51
N ASP A 31 -19.98 -12.88 -26.07
CA ASP A 31 -21.23 -13.08 -26.77
C ASP A 31 -21.59 -11.96 -27.75
N ASN A 32 -20.94 -10.79 -27.66
CA ASN A 32 -21.27 -9.67 -28.55
C ASN A 32 -20.41 -9.71 -29.81
N PRO A 33 -21.03 -9.88 -30.98
CA PRO A 33 -20.26 -9.86 -32.22
C PRO A 33 -19.36 -8.64 -32.40
N PHE A 34 -19.79 -7.47 -31.90
CA PHE A 34 -18.97 -6.24 -31.94
C PHE A 34 -17.72 -6.41 -31.09
N GLU A 35 -17.87 -7.01 -29.92
CA GLU A 35 -16.72 -7.21 -29.05
C GLU A 35 -15.78 -8.24 -29.66
N ARG A 36 -16.33 -9.27 -30.32
CA ARG A 36 -15.48 -10.24 -31.00
C ARG A 36 -14.68 -9.56 -32.14
N GLU A 37 -15.36 -8.73 -32.96
CA GLU A 37 -14.70 -7.96 -34.05
C GLU A 37 -13.65 -6.98 -33.49
N ARG A 38 -13.97 -6.34 -32.37
CA ARG A 38 -12.99 -5.45 -31.72
C ARG A 38 -11.73 -6.20 -31.32
N HIS A 39 -11.93 -7.36 -30.70
CA HIS A 39 -10.85 -8.25 -30.34
C HIS A 39 -10.05 -8.74 -31.53
N THR A 40 -10.72 -9.00 -32.65
CA THR A 40 -10.04 -9.36 -33.90
C THR A 40 -9.09 -8.24 -34.31
N GLN A 41 -9.59 -6.99 -34.30
CA GLN A 41 -8.75 -5.83 -34.61
C GLN A 41 -7.64 -5.63 -33.60
N LEU A 42 -7.98 -5.71 -32.35
CA LEU A 42 -6.98 -5.60 -31.28
C LEU A 42 -5.85 -6.66 -31.45
N LEU A 43 -6.21 -7.92 -31.73
CA LEU A 43 -5.20 -8.97 -31.96
C LEU A 43 -4.44 -8.73 -33.27
N ARG A 44 -5.12 -8.30 -34.34
CA ARG A 44 -4.43 -8.04 -35.61
C ARG A 44 -3.34 -7.00 -35.40
N LEU A 45 -3.69 -5.92 -34.69
CA LEU A 45 -2.71 -4.90 -34.37
C LEU A 45 -1.59 -5.46 -33.50
N SER A 46 -1.92 -6.30 -32.52
CA SER A 46 -0.92 -6.83 -31.57
C SER A 46 0.09 -7.73 -32.27
N LEU A 47 -0.38 -8.44 -33.31
CA LEU A 47 0.44 -9.43 -34.03
C LEU A 47 1.13 -8.83 -35.24
N SER A 48 0.91 -7.53 -35.51
CA SER A 48 1.42 -6.93 -36.76
C SER A 48 2.90 -7.17 -37.01
N SER A 49 3.68 -7.27 -35.93
CA SER A 49 5.13 -7.46 -35.99
C SER A 49 5.58 -8.88 -35.68
N GLY A 50 4.65 -9.84 -35.74
CA GLY A 50 4.95 -11.25 -35.46
C GLY A 50 4.83 -11.59 -33.98
N ALA A 51 5.50 -12.67 -33.55
CA ALA A 51 5.47 -13.13 -32.14
C ALA A 51 6.07 -12.08 -31.19
N VAL A 52 5.52 -11.99 -29.99
CA VAL A 52 5.97 -10.99 -29.00
C VAL A 52 6.94 -11.65 -27.99
N SER A 53 7.98 -10.95 -27.55
CA SER A 53 8.89 -11.50 -26.50
C SER A 53 8.36 -11.41 -25.04
N ASN A 54 7.74 -10.28 -24.71
CA ASN A 54 7.43 -9.98 -23.32
C ASN A 54 6.29 -9.03 -23.34
N GLY A 55 5.07 -9.56 -23.25
CA GLY A 55 3.88 -8.75 -23.45
C GLY A 55 3.23 -8.34 -22.13
N LEU A 56 2.54 -7.20 -22.14
CA LEU A 56 1.74 -6.72 -20.97
C LEU A 56 0.28 -6.46 -21.38
N GLU A 57 -0.66 -7.03 -20.66
CA GLU A 57 -2.05 -6.72 -20.90
C GLU A 57 -2.54 -5.98 -19.67
N ILE A 58 -3.14 -4.80 -19.90
CA ILE A 58 -3.67 -3.94 -18.81
C ILE A 58 -5.19 -3.97 -18.83
N GLY A 59 -5.77 -4.64 -17.83
CA GLY A 59 -7.24 -4.83 -17.78
C GLY A 59 -7.69 -6.08 -18.58
N CYS A 60 -8.05 -7.15 -17.89
CA CYS A 60 -8.26 -8.44 -18.54
C CYS A 60 -9.69 -8.96 -18.48
N ALA A 61 -10.57 -8.28 -17.76
CA ALA A 61 -11.94 -8.79 -17.50
C ALA A 61 -11.85 -10.27 -17.19
N ALA A 62 -12.65 -11.11 -17.87
CA ALA A 62 -12.66 -12.57 -17.65
C ALA A 62 -11.65 -13.36 -18.50
N GLY A 63 -10.75 -12.69 -19.18
CA GLY A 63 -9.66 -13.37 -19.90
C GLY A 63 -9.92 -13.63 -21.37
N ALA A 64 -11.02 -13.10 -21.92
CA ALA A 64 -11.35 -13.37 -23.33
C ALA A 64 -10.22 -12.96 -24.28
N PHE A 65 -9.63 -11.78 -24.07
CA PHE A 65 -8.52 -11.33 -24.90
C PHE A 65 -7.20 -11.94 -24.48
N THR A 66 -6.98 -12.11 -23.18
CA THR A 66 -5.79 -12.76 -22.64
C THR A 66 -5.59 -14.10 -23.35
N GLU A 67 -6.68 -14.85 -23.48
CA GLU A 67 -6.70 -16.18 -24.10
C GLU A 67 -6.28 -16.18 -25.56
N LYS A 68 -6.61 -15.09 -26.25
CA LYS A 68 -6.27 -14.92 -27.67
C LYS A 68 -4.83 -14.44 -27.82
N LEU A 69 -4.37 -13.64 -26.87
CA LEU A 69 -3.03 -13.08 -26.89
C LEU A 69 -1.94 -14.04 -26.42
N ALA A 70 -2.24 -14.87 -25.41
CA ALA A 70 -1.22 -15.70 -24.73
C ALA A 70 -0.35 -16.55 -25.64
N PRO A 71 -0.95 -17.27 -26.61
CA PRO A 71 -0.13 -18.17 -27.43
C PRO A 71 0.90 -17.48 -28.30
N HIS A 72 0.86 -16.15 -28.36
CA HIS A 72 1.70 -15.37 -29.25
C HIS A 72 2.79 -14.55 -28.54
N CYS A 73 2.87 -14.71 -27.21
CA CYS A 73 3.85 -14.01 -26.39
C CYS A 73 4.72 -15.05 -25.68
N LYS A 74 6.04 -14.92 -25.75
CA LYS A 74 6.95 -15.84 -25.08
C LYS A 74 6.74 -15.75 -23.56
N ARG A 75 6.58 -14.52 -23.09
CA ARG A 75 6.11 -14.23 -21.74
C ARG A 75 4.99 -13.19 -21.81
N LEU A 76 4.00 -13.34 -20.93
CA LEU A 76 2.87 -12.41 -20.82
C LEU A 76 2.69 -12.05 -19.34
N THR A 77 2.59 -10.74 -19.06
CA THR A 77 2.16 -10.22 -17.77
C THR A 77 0.79 -9.57 -17.92
N VAL A 78 -0.06 -9.76 -16.93
CA VAL A 78 -1.43 -9.23 -16.97
C VAL A 78 -1.74 -8.49 -15.64
N ILE A 79 -2.19 -7.25 -15.70
CA ILE A 79 -2.53 -6.53 -14.49
C ILE A 79 -4.00 -6.19 -14.58
N ASP A 80 -4.59 -6.09 -13.41
CA ASP A 80 -5.95 -5.68 -13.27
C ASP A 80 -6.18 -5.20 -11.84
N VAL A 81 -6.92 -4.12 -11.72
CA VAL A 81 -7.19 -3.53 -10.43
C VAL A 81 -8.12 -4.41 -9.60
N MET A 82 -8.85 -5.32 -10.25
CA MET A 82 -9.79 -6.20 -9.59
C MET A 82 -9.30 -7.63 -9.38
N PRO A 83 -9.05 -8.04 -8.12
CA PRO A 83 -8.74 -9.47 -7.94
C PRO A 83 -9.69 -10.46 -8.63
N ARG A 84 -11.02 -10.21 -8.64
CA ARG A 84 -11.96 -11.09 -9.35
C ARG A 84 -11.63 -11.24 -10.85
N ALA A 85 -11.03 -10.21 -11.48
CA ALA A 85 -10.63 -10.29 -12.89
C ALA A 85 -9.45 -11.27 -13.07
N ILE A 86 -8.44 -11.13 -12.20
CA ILE A 86 -7.30 -12.07 -12.19
C ILE A 86 -7.83 -13.51 -12.00
N GLY A 87 -8.73 -13.72 -11.06
CA GLY A 87 -9.19 -15.06 -10.75
C GLY A 87 -9.89 -15.75 -11.92
N ARG A 88 -10.83 -15.03 -12.53
CA ARG A 88 -11.57 -15.54 -13.71
C ARG A 88 -10.65 -15.78 -14.94
N ALA A 89 -9.74 -14.82 -15.21
CA ALA A 89 -8.91 -14.86 -16.39
C ALA A 89 -7.88 -15.98 -16.27
N CYS A 90 -7.26 -16.16 -15.09
CA CYS A 90 -6.22 -17.17 -15.00
C CYS A 90 -6.81 -18.57 -15.02
N GLN A 91 -8.08 -18.70 -14.70
CA GLN A 91 -8.76 -19.98 -14.91
C GLN A 91 -8.97 -20.23 -16.41
N ARG A 92 -9.37 -19.20 -17.11
CA ARG A 92 -9.50 -19.26 -18.55
C ARG A 92 -8.20 -19.65 -19.28
N THR A 93 -7.07 -19.12 -18.84
CA THR A 93 -5.81 -19.38 -19.54
C THR A 93 -4.90 -20.41 -18.90
N LYS A 94 -5.46 -21.33 -18.13
CA LYS A 94 -4.66 -22.24 -17.30
C LYS A 94 -3.68 -23.19 -18.05
N ARG A 95 -3.93 -23.47 -19.32
CA ARG A 95 -3.02 -24.35 -20.08
C ARG A 95 -1.63 -23.73 -20.30
N TRP A 96 -1.53 -22.40 -20.17
CA TRP A 96 -0.30 -21.67 -20.43
C TRP A 96 0.47 -21.55 -19.12
N SER A 97 1.78 -21.79 -19.19
CA SER A 97 2.69 -21.72 -18.03
C SER A 97 3.54 -20.42 -18.02
N HIS A 98 3.35 -19.56 -19.03
CA HIS A 98 4.19 -18.39 -19.22
C HIS A 98 3.49 -17.05 -18.86
N ILE A 99 2.37 -17.10 -18.12
CA ILE A 99 1.61 -15.88 -17.79
C ILE A 99 1.83 -15.51 -16.29
N SER A 100 2.07 -14.20 -16.03
CA SER A 100 2.21 -13.62 -14.68
C SER A 100 1.03 -12.69 -14.45
N TRP A 101 0.57 -12.55 -13.21
CA TRP A 101 -0.52 -11.66 -12.90
C TRP A 101 -0.23 -10.77 -11.71
N ALA A 102 -0.89 -9.61 -11.72
CA ALA A 102 -0.84 -8.71 -10.55
C ALA A 102 -2.17 -7.97 -10.40
N ALA A 103 -2.74 -7.98 -9.18
CA ALA A 103 -3.94 -7.25 -8.90
C ALA A 103 -3.48 -5.88 -8.46
N THR A 104 -3.33 -4.98 -9.42
CA THR A 104 -2.88 -3.62 -9.14
C THR A 104 -3.51 -2.68 -10.14
N ASP A 105 -3.66 -1.46 -9.70
CA ASP A 105 -4.09 -0.38 -10.52
C ASP A 105 -2.89 -0.01 -11.41
N ILE A 106 -3.16 0.37 -12.65
CA ILE A 106 -2.06 0.79 -13.55
C ILE A 106 -1.31 2.01 -12.95
N LEU A 107 -2.03 2.84 -12.19
CA LEU A 107 -1.46 3.98 -11.47
C LEU A 107 -0.43 3.59 -10.45
N GLN A 108 -0.53 2.37 -9.91
CA GLN A 108 0.37 1.94 -8.86
C GLN A 108 1.37 0.91 -9.29
N PHE A 109 1.24 0.41 -10.53
CA PHE A 109 2.09 -0.65 -11.03
C PHE A 109 3.46 -0.07 -11.32
N SER A 110 4.48 -0.61 -10.67
CA SER A 110 5.86 -0.25 -10.99
C SER A 110 6.66 -1.54 -11.14
N THR A 111 7.22 -1.69 -12.34
CA THR A 111 8.16 -2.76 -12.63
C THR A 111 9.38 -2.15 -13.25
N ALA A 112 10.47 -2.90 -13.13
CA ALA A 112 11.67 -2.68 -13.90
C ALA A 112 11.54 -3.36 -15.29
N GLU A 113 10.57 -4.27 -15.43
CA GLU A 113 10.22 -4.90 -16.72
C GLU A 113 10.03 -3.89 -17.86
N LEU A 114 10.58 -4.22 -19.03
CA LEU A 114 10.22 -3.53 -20.26
C LEU A 114 9.53 -4.55 -21.18
N PHE A 115 8.45 -4.10 -21.80
CA PHE A 115 7.57 -4.93 -22.66
C PHE A 115 7.60 -4.49 -24.13
N ASP A 116 7.75 -5.45 -25.03
CA ASP A 116 7.69 -5.12 -26.47
C ASP A 116 6.23 -5.04 -27.01
N LEU A 117 5.26 -5.42 -26.20
CA LEU A 117 3.86 -5.14 -26.49
C LEU A 117 3.14 -4.79 -25.20
N ILE A 118 2.41 -3.66 -25.23
CA ILE A 118 1.45 -3.35 -24.20
C ILE A 118 0.10 -3.18 -24.82
N VAL A 119 -0.87 -3.94 -24.34
CA VAL A 119 -2.24 -3.83 -24.81
C VAL A 119 -3.01 -3.10 -23.67
N VAL A 120 -3.72 -2.05 -24.05
CA VAL A 120 -4.50 -1.20 -23.14
C VAL A 120 -5.77 -0.86 -23.86
N ALA A 121 -6.78 -1.70 -23.63
CA ALA A 121 -8.06 -1.58 -24.32
C ALA A 121 -9.23 -1.44 -23.34
N GLU A 122 -10.02 -0.37 -23.48
CA GLU A 122 -11.31 -0.22 -22.77
C GLU A 122 -11.12 -0.24 -21.24
N VAL A 123 -10.06 0.40 -20.82
CA VAL A 123 -9.68 0.50 -19.40
C VAL A 123 -9.39 1.94 -18.93
N LEU A 124 -8.69 2.75 -19.74
CA LEU A 124 -8.19 4.04 -19.23
C LEU A 124 -9.30 5.05 -18.87
N TYR A 125 -10.49 4.89 -19.43
CA TYR A 125 -11.59 5.77 -19.01
C TYR A 125 -12.15 5.51 -17.61
N TYR A 126 -11.76 4.41 -16.96
CA TYR A 126 -12.19 4.22 -15.57
C TYR A 126 -11.43 5.13 -14.60
N LEU A 127 -10.37 5.77 -15.04
CA LEU A 127 -9.64 6.65 -14.15
C LEU A 127 -10.48 7.92 -13.90
N GLU A 128 -10.23 8.60 -12.78
CA GLU A 128 -11.07 9.71 -12.34
C GLU A 128 -10.91 11.03 -13.09
N ASP A 129 -9.70 11.32 -13.57
CA ASP A 129 -9.45 12.60 -14.25
C ASP A 129 -8.30 12.50 -15.21
N MET A 130 -8.02 13.60 -15.90
CA MET A 130 -6.96 13.67 -16.93
C MET A 130 -5.55 13.61 -16.36
N THR A 131 -5.36 14.03 -15.12
CA THR A 131 -4.04 13.97 -14.49
C THR A 131 -3.66 12.51 -14.24
N GLN A 132 -4.61 11.73 -13.74
CA GLN A 132 -4.43 10.28 -13.62
C GLN A 132 -4.20 9.57 -14.98
N MET A 133 -4.92 9.97 -16.03
CA MET A 133 -4.69 9.35 -17.34
C MET A 133 -3.26 9.58 -17.83
N ARG A 134 -2.79 10.82 -17.75
CA ARG A 134 -1.42 11.19 -18.08
C ARG A 134 -0.42 10.39 -17.25
N THR A 135 -0.65 10.29 -15.94
CA THR A 135 0.25 9.53 -15.09
C THR A 135 0.32 8.08 -15.58
N ALA A 136 -0.82 7.45 -15.77
CA ALA A 136 -0.89 6.08 -16.30
C ALA A 136 -0.22 5.96 -17.68
N ILE A 137 -0.47 6.91 -18.56
CA ILE A 137 0.16 6.90 -19.85
C ILE A 137 1.67 7.02 -19.71
N ASP A 138 2.17 7.89 -18.82
CA ASP A 138 3.63 8.05 -18.68
C ASP A 138 4.23 6.72 -18.24
N ASN A 139 3.49 6.03 -17.38
CA ASN A 139 3.93 4.75 -16.81
C ASN A 139 4.05 3.71 -17.92
N MET A 140 3.01 3.65 -18.77
CA MET A 140 3.00 2.77 -19.92
C MET A 140 4.17 3.09 -20.89
N VAL A 141 4.39 4.38 -21.17
CA VAL A 141 5.47 4.78 -22.08
C VAL A 141 6.79 4.30 -21.48
N LYS A 142 6.99 4.57 -20.20
CA LYS A 142 8.20 4.17 -19.49
C LYS A 142 8.46 2.67 -19.58
N MET A 143 7.41 1.84 -19.45
CA MET A 143 7.55 0.36 -19.54
C MET A 143 7.63 -0.21 -20.99
N LEU A 144 7.58 0.63 -22.02
CA LEU A 144 7.76 0.14 -23.40
C LEU A 144 9.26 -0.12 -23.64
N ALA A 145 9.58 -1.26 -24.25
CA ALA A 145 10.95 -1.54 -24.68
C ALA A 145 11.35 -0.59 -25.83
N PRO A 146 12.65 -0.29 -25.99
CA PRO A 146 13.12 0.63 -27.05
C PRO A 146 12.59 0.46 -28.49
N GLY A 147 12.06 -0.71 -28.85
CA GLY A 147 11.44 -0.87 -30.17
C GLY A 147 9.97 -1.32 -30.13
N GLY A 148 9.39 -1.33 -28.94
CA GLY A 148 8.13 -1.99 -28.71
C GLY A 148 6.93 -1.20 -29.15
N HIS A 149 5.79 -1.86 -29.22
CA HIS A 149 4.54 -1.20 -29.62
C HIS A 149 3.53 -1.18 -28.50
N LEU A 150 2.65 -0.18 -28.55
CA LEU A 150 1.55 -0.06 -27.63
C LEU A 150 0.29 -0.09 -28.47
N VAL A 151 -0.62 -0.99 -28.14
CA VAL A 151 -1.88 -1.13 -28.86
C VAL A 151 -2.97 -0.64 -27.94
N PHE A 152 -3.60 0.48 -28.32
CA PHE A 152 -4.60 1.13 -27.50
C PHE A 152 -5.93 1.04 -28.18
N GLY A 153 -6.97 0.84 -27.39
CA GLY A 153 -8.32 0.91 -27.94
C GLY A 153 -9.27 1.54 -26.95
N SER A 154 -10.27 2.26 -27.43
CA SER A 154 -11.26 2.83 -26.55
C SER A 154 -12.52 3.27 -27.30
N ALA A 155 -13.66 3.15 -26.61
CA ALA A 155 -14.85 3.86 -26.94
C ALA A 155 -14.48 5.32 -27.14
N ARG A 156 -15.19 6.00 -28.03
CA ARG A 156 -14.88 7.41 -28.32
C ARG A 156 -15.21 8.32 -27.15
N ASP A 157 -14.62 9.52 -27.19
CA ASP A 157 -14.84 10.58 -26.19
C ASP A 157 -16.32 10.77 -25.82
N ALA A 158 -17.16 11.00 -26.84
CA ALA A 158 -18.59 11.25 -26.67
C ALA A 158 -19.27 10.10 -25.97
N THR A 159 -18.95 8.89 -26.40
CA THR A 159 -19.52 7.69 -25.79
C THR A 159 -19.09 7.60 -24.33
N CYS A 160 -17.79 7.85 -24.11
CA CYS A 160 -17.22 7.79 -22.76
C CYS A 160 -17.87 8.82 -21.84
N ARG A 161 -18.15 10.00 -22.37
CA ARG A 161 -18.78 11.06 -21.58
C ARG A 161 -20.24 10.73 -21.27
N ARG A 162 -20.92 10.09 -22.21
CA ARG A 162 -22.27 9.59 -21.97
C ARG A 162 -22.26 8.51 -20.89
N TRP A 163 -21.15 7.76 -20.80
CA TRP A 163 -21.01 6.75 -19.75
C TRP A 163 -20.61 7.32 -18.38
N GLY A 164 -20.50 8.64 -18.26
CA GLY A 164 -20.09 9.29 -17.02
C GLY A 164 -18.58 9.46 -16.85
N HIS A 165 -17.80 9.05 -17.84
CA HIS A 165 -16.35 9.16 -17.74
C HIS A 165 -15.84 10.46 -18.34
N VAL A 166 -14.54 10.71 -18.22
CA VAL A 166 -13.99 12.02 -18.59
C VAL A 166 -13.53 12.11 -20.07
N ALA A 167 -12.86 11.06 -20.56
CA ALA A 167 -12.40 11.07 -21.93
C ALA A 167 -12.17 9.65 -22.46
N GLY A 168 -12.18 9.53 -23.79
CA GLY A 168 -12.02 8.26 -24.48
C GLY A 168 -10.93 8.31 -25.55
N ALA A 169 -11.19 7.65 -26.68
CA ALA A 169 -10.17 7.36 -27.69
C ALA A 169 -9.40 8.58 -28.16
N GLU A 170 -10.13 9.62 -28.59
CA GLU A 170 -9.51 10.71 -29.32
C GLU A 170 -8.59 11.48 -28.39
N THR A 171 -9.07 11.70 -27.17
CA THR A 171 -8.31 12.39 -26.17
C THR A 171 -7.03 11.66 -25.78
N VAL A 172 -7.14 10.36 -25.51
CA VAL A 172 -5.95 9.57 -25.19
C VAL A 172 -4.98 9.47 -26.37
N ILE A 173 -5.47 9.23 -27.58
CA ILE A 173 -4.62 9.17 -28.76
C ILE A 173 -3.77 10.44 -28.85
N THR A 174 -4.41 11.60 -28.59
CA THR A 174 -3.71 12.87 -28.61
C THR A 174 -2.52 12.88 -27.65
N ILE A 175 -2.77 12.41 -26.44
CA ILE A 175 -1.76 12.42 -25.37
C ILE A 175 -0.68 11.38 -25.66
N LEU A 176 -1.11 10.20 -26.09
CA LEU A 176 -0.18 9.15 -26.51
C LEU A 176 0.79 9.65 -27.57
N THR A 177 0.27 10.44 -28.52
CA THR A 177 1.04 10.92 -29.67
C THR A 177 2.21 11.88 -29.30
N GLU A 178 2.14 12.49 -28.11
CA GLU A 178 3.18 13.39 -27.59
C GLU A 178 4.43 12.63 -27.24
N ALA A 179 4.27 11.37 -26.84
CA ALA A 179 5.41 10.54 -26.46
C ALA A 179 5.74 9.44 -27.50
N LEU A 180 4.75 9.04 -28.29
CA LEU A 180 4.86 7.88 -29.18
C LEU A 180 4.49 8.22 -30.60
N THR A 181 4.89 7.36 -31.53
CA THR A 181 4.63 7.53 -32.96
C THR A 181 3.46 6.64 -33.40
N GLU A 182 2.39 7.24 -33.93
CA GLU A 182 1.26 6.44 -34.41
C GLU A 182 1.68 5.68 -35.68
N VAL A 183 1.52 4.35 -35.67
CA VAL A 183 1.87 3.53 -36.83
C VAL A 183 0.64 3.09 -37.66
N GLU A 184 -0.54 3.06 -37.02
CA GLU A 184 -1.77 2.59 -37.67
C GLU A 184 -2.96 2.87 -36.78
N ARG A 185 -4.16 2.99 -37.35
CA ARG A 185 -5.39 3.04 -36.56
C ARG A 185 -6.54 2.32 -37.26
N VAL A 186 -7.57 2.00 -36.49
CA VAL A 186 -8.78 1.38 -37.03
C VAL A 186 -9.96 1.79 -36.25
N GLN A 187 -11.07 1.92 -36.96
CA GLN A 187 -12.35 2.17 -36.34
C GLN A 187 -13.14 0.86 -36.27
N CYS A 188 -13.98 0.75 -35.26
CA CYS A 188 -14.74 -0.45 -35.05
C CYS A 188 -16.16 -0.08 -34.64
N GLN A 189 -17.16 -0.48 -35.40
CA GLN A 189 -18.52 -0.04 -35.11
C GLN A 189 -19.51 -1.19 -35.04
N GLY A 190 -20.43 -1.10 -34.09
CA GLY A 190 -21.42 -2.15 -33.88
C GLY A 190 -22.83 -1.75 -34.26
N GLN A 191 -23.76 -1.92 -33.32
CA GLN A 191 -25.19 -1.75 -33.58
C GLN A 191 -25.70 -0.39 -33.11
N SER A 192 -24.93 0.29 -32.28
CA SER A 192 -25.39 1.52 -31.68
C SER A 192 -24.28 2.55 -31.52
N ALA A 193 -24.67 3.73 -31.05
CA ALA A 193 -23.71 4.79 -30.74
C ALA A 193 -22.70 4.33 -29.69
N ASP A 194 -23.15 3.52 -28.71
CA ASP A 194 -22.26 2.91 -27.67
C ASP A 194 -21.17 1.97 -28.22
N GLU A 195 -21.38 1.46 -29.43
CA GLU A 195 -20.46 0.52 -30.06
C GLU A 195 -19.71 1.23 -31.17
N ASP A 196 -18.72 2.03 -30.75
CA ASP A 196 -17.95 2.83 -31.68
C ASP A 196 -16.61 3.16 -31.12
N CYS A 197 -15.63 2.39 -31.59
CA CYS A 197 -14.34 2.23 -30.97
C CYS A 197 -13.27 2.71 -31.92
N LEU A 198 -12.23 3.30 -31.35
CA LEU A 198 -11.05 3.69 -32.12
C LEU A 198 -9.90 2.89 -31.53
N LEU A 199 -9.13 2.24 -32.40
CA LEU A 199 -7.91 1.56 -31.99
C LEU A 199 -6.78 2.18 -32.75
N ALA A 200 -5.63 2.27 -32.08
CA ALA A 200 -4.41 2.76 -32.69
C ALA A 200 -3.22 1.99 -32.12
N ARG A 201 -2.27 1.70 -32.99
CA ARG A 201 -1.03 1.04 -32.64
C ARG A 201 0.05 2.09 -32.68
N PHE A 202 0.75 2.22 -31.55
CA PHE A 202 1.85 3.19 -31.43
C PHE A 202 3.20 2.51 -31.33
N ARG A 203 4.24 3.15 -31.85
CA ARG A 203 5.60 2.67 -31.71
C ARG A 203 6.39 3.62 -30.84
N ASN A 204 7.33 3.05 -30.09
CA ASN A 204 8.20 3.81 -29.23
C ASN A 204 9.35 4.30 -30.06
N PRO A 205 9.36 5.62 -30.37
CA PRO A 205 10.46 6.16 -31.18
C PRO A 205 11.76 6.12 -30.35
N GLU A 206 12.44 4.97 -30.35
CA GLU A 206 13.51 4.71 -29.39
C GLU A 206 14.28 3.39 -29.70
N ASP B 11 -10.32 -39.71 -9.11
CA ASP B 11 -9.79 -38.31 -9.16
C ASP B 11 -8.27 -38.26 -9.33
N ASN B 12 -7.82 -37.54 -10.37
CA ASN B 12 -6.41 -37.15 -10.45
C ASN B 12 -6.14 -36.08 -9.37
N THR B 13 -4.89 -35.68 -9.24
CA THR B 13 -4.52 -34.80 -8.14
C THR B 13 -5.26 -33.47 -8.24
N TYR B 14 -5.46 -33.00 -9.48
CA TYR B 14 -6.04 -31.67 -9.71
C TYR B 14 -7.51 -31.61 -9.34
N GLN B 15 -8.22 -32.67 -9.67
CA GLN B 15 -9.59 -32.83 -9.20
C GLN B 15 -9.70 -32.84 -7.65
N SER B 16 -8.76 -33.48 -6.93
CA SER B 16 -8.90 -33.49 -5.45
C SER B 16 -8.54 -32.10 -4.93
N LEU B 17 -7.49 -31.49 -5.48
CA LEU B 17 -7.15 -30.12 -5.04
C LEU B 17 -8.34 -29.16 -5.25
N GLU B 18 -9.06 -29.30 -6.38
CA GLU B 18 -10.11 -28.37 -6.74
C GLU B 18 -11.24 -28.46 -5.69
N ARG B 19 -11.44 -29.67 -5.23
CA ARG B 19 -12.48 -29.96 -4.27
C ARG B 19 -12.07 -29.36 -2.91
N GLU B 20 -10.82 -29.53 -2.50
CA GLU B 20 -10.42 -28.95 -1.23
C GLU B 20 -10.47 -27.42 -1.29
N LEU B 21 -10.15 -26.85 -2.44
CA LEU B 21 -10.05 -25.38 -2.59
C LEU B 21 -11.42 -24.69 -2.59
N ALA B 22 -12.50 -25.50 -2.75
CA ALA B 22 -13.86 -25.02 -2.71
C ALA B 22 -14.46 -24.96 -1.32
N ASN B 23 -13.80 -25.56 -0.33
CA ASN B 23 -14.25 -25.45 1.04
C ASN B 23 -14.01 -24.05 1.56
N ASP B 24 -14.77 -23.66 2.56
CA ASP B 24 -14.63 -22.36 3.12
C ASP B 24 -13.25 -22.13 3.72
N ASP B 25 -12.69 -23.17 4.33
CA ASP B 25 -11.39 -23.14 4.97
C ASP B 25 -10.60 -24.31 4.43
N PRO B 26 -9.97 -24.16 3.28
CA PRO B 26 -9.25 -25.31 2.72
C PRO B 26 -8.16 -25.78 3.63
N TRP B 27 -8.19 -27.10 3.85
CA TRP B 27 -7.31 -27.86 4.71
C TRP B 27 -7.25 -27.38 6.15
N ARG B 28 -8.35 -26.77 6.63
CA ARG B 28 -8.44 -26.17 7.94
C ARG B 28 -7.23 -25.32 8.31
N LEU B 29 -6.67 -24.63 7.33
CA LEU B 29 -5.54 -23.78 7.58
C LEU B 29 -5.89 -22.62 8.48
N ASP B 30 -7.16 -22.18 8.54
CA ASP B 30 -7.44 -21.12 9.52
C ASP B 30 -7.86 -21.65 10.88
N ASP B 31 -8.65 -22.73 10.89
CA ASP B 31 -9.37 -23.10 12.08
C ASP B 31 -8.54 -24.03 12.93
N ASN B 32 -7.60 -24.79 12.34
CA ASN B 32 -6.90 -25.89 13.10
C ASN B 32 -5.68 -25.36 13.82
N PRO B 33 -5.63 -25.48 15.16
CA PRO B 33 -4.49 -24.91 15.88
C PRO B 33 -3.15 -25.45 15.45
N PHE B 34 -3.14 -26.72 15.03
CA PHE B 34 -1.95 -27.33 14.51
C PHE B 34 -1.44 -26.61 13.28
N GLU B 35 -2.35 -26.24 12.37
CA GLU B 35 -1.96 -25.56 11.14
C GLU B 35 -1.45 -24.13 11.45
N ARG B 36 -2.10 -23.50 12.43
CA ARG B 36 -1.61 -22.19 12.92
C ARG B 36 -0.17 -22.30 13.48
N GLU B 37 0.07 -23.28 14.35
CA GLU B 37 1.39 -23.40 14.96
C GLU B 37 2.38 -23.71 13.87
N ARG B 38 1.96 -24.52 12.89
CA ARG B 38 2.83 -24.80 11.71
C ARG B 38 3.16 -23.55 10.92
N HIS B 39 2.16 -22.69 10.68
CA HIS B 39 2.36 -21.40 10.07
C HIS B 39 3.25 -20.50 10.89
N THR B 40 3.12 -20.57 12.21
CA THR B 40 3.98 -19.77 13.06
C THR B 40 5.45 -20.13 12.83
N GLN B 41 5.75 -21.44 12.84
CA GLN B 41 7.08 -21.94 12.65
C GLN B 41 7.60 -21.61 11.25
N LEU B 42 6.76 -21.83 10.25
CA LEU B 42 7.03 -21.46 8.88
C LEU B 42 7.41 -19.99 8.74
N LEU B 43 6.68 -19.12 9.43
CA LEU B 43 6.97 -17.68 9.38
C LEU B 43 8.22 -17.34 10.17
N ARG B 44 8.43 -17.93 11.37
CA ARG B 44 9.61 -17.62 12.17
C ARG B 44 10.83 -17.91 11.27
N LEU B 45 10.78 -19.06 10.60
CA LEU B 45 11.96 -19.49 9.83
C LEU B 45 12.19 -18.50 8.67
N SER B 46 11.10 -18.05 8.07
CA SER B 46 11.21 -17.18 6.91
C SER B 46 11.72 -15.80 7.27
N LEU B 47 11.50 -15.36 8.52
CA LEU B 47 11.85 -14.02 8.97
C LEU B 47 13.17 -13.97 9.67
N SER B 48 13.90 -15.09 9.65
CA SER B 48 14.98 -15.27 10.54
C SER B 48 16.11 -14.32 10.22
N SER B 49 16.26 -13.92 8.94
CA SER B 49 17.24 -12.86 8.56
C SER B 49 16.56 -11.50 8.33
N GLY B 50 15.36 -11.35 8.89
CA GLY B 50 14.59 -10.13 8.79
C GLY B 50 13.74 -10.05 7.52
N ALA B 51 13.59 -8.84 7.01
CA ALA B 51 12.80 -8.57 5.82
C ALA B 51 13.53 -9.06 4.55
N VAL B 52 12.71 -9.50 3.63
CA VAL B 52 13.06 -10.23 2.44
C VAL B 52 12.85 -9.27 1.27
N SER B 53 13.79 -9.23 0.33
CA SER B 53 13.64 -8.39 -0.88
C SER B 53 12.72 -8.96 -1.94
N ASN B 54 12.67 -10.28 -2.07
CA ASN B 54 12.06 -10.88 -3.24
C ASN B 54 11.76 -12.33 -2.95
N GLY B 55 10.53 -12.60 -2.58
CA GLY B 55 10.18 -13.92 -2.15
C GLY B 55 9.30 -14.60 -3.14
N LEU B 56 9.31 -15.90 -3.03
CA LEU B 56 8.53 -16.83 -3.80
C LEU B 56 7.82 -17.73 -2.80
N GLU B 57 6.50 -17.88 -2.95
CA GLU B 57 5.76 -18.92 -2.26
C GLU B 57 5.27 -19.90 -3.29
N ILE B 58 5.56 -21.19 -3.05
CA ILE B 58 5.14 -22.26 -3.95
C ILE B 58 3.98 -23.05 -3.27
N GLY B 59 2.82 -22.86 -3.83
CA GLY B 59 1.57 -23.42 -3.29
C GLY B 59 0.91 -22.58 -2.19
N CYS B 60 -0.20 -21.91 -2.50
CA CYS B 60 -0.69 -20.84 -1.63
C CYS B 60 -1.99 -21.18 -0.99
N ALA B 61 -2.60 -22.22 -1.49
CA ALA B 61 -3.99 -22.63 -1.06
C ALA B 61 -5.00 -21.45 -1.17
N ALA B 62 -5.80 -21.10 -0.12
CA ALA B 62 -6.61 -19.88 -0.09
C ALA B 62 -5.89 -18.61 0.41
N GLY B 63 -4.56 -18.59 0.47
CA GLY B 63 -3.84 -17.41 0.90
C GLY B 63 -3.56 -17.18 2.36
N ALA B 64 -3.75 -18.17 3.25
CA ALA B 64 -3.58 -17.94 4.67
C ALA B 64 -2.13 -17.66 4.97
N PHE B 65 -1.26 -18.48 4.43
CA PHE B 65 0.17 -18.15 4.67
C PHE B 65 0.61 -16.98 3.86
N THR B 66 0.21 -16.89 2.62
CA THR B 66 0.54 -15.73 1.77
C THR B 66 0.32 -14.39 2.46
N GLU B 67 -0.87 -14.24 3.06
CA GLU B 67 -1.15 -13.06 3.82
C GLU B 67 -0.14 -12.78 4.95
N LYS B 68 0.35 -13.83 5.63
CA LYS B 68 1.21 -13.72 6.75
C LYS B 68 2.56 -13.29 6.23
N LEU B 69 2.87 -13.75 5.03
CA LEU B 69 4.22 -13.55 4.48
C LEU B 69 4.32 -12.20 3.77
N ALA B 70 3.29 -11.85 3.03
CA ALA B 70 3.35 -10.66 2.17
C ALA B 70 3.92 -9.37 2.73
N PRO B 71 3.60 -8.99 3.99
CA PRO B 71 4.05 -7.67 4.43
C PRO B 71 5.49 -7.63 4.83
N HIS B 72 6.16 -8.78 4.80
CA HIS B 72 7.58 -8.92 5.13
C HIS B 72 8.50 -9.10 3.93
N CYS B 73 7.91 -9.06 2.75
CA CYS B 73 8.67 -9.12 1.47
C CYS B 73 8.47 -7.85 0.67
N LYS B 74 9.55 -7.25 0.10
CA LYS B 74 9.37 -6.08 -0.69
C LYS B 74 8.55 -6.39 -1.97
N ARG B 75 8.80 -7.57 -2.47
CA ARG B 75 8.14 -8.19 -3.60
C ARG B 75 7.93 -9.61 -3.26
N LEU B 76 6.73 -10.10 -3.61
CA LEU B 76 6.37 -11.46 -3.40
C LEU B 76 5.80 -11.99 -4.69
N THR B 77 6.20 -13.21 -4.99
CA THR B 77 5.69 -13.95 -6.11
C THR B 77 5.09 -15.21 -5.57
N VAL B 78 3.97 -15.54 -6.14
CA VAL B 78 3.24 -16.71 -5.70
C VAL B 78 2.82 -17.63 -6.89
N ILE B 79 3.12 -18.91 -6.75
CA ILE B 79 2.72 -19.87 -7.77
C ILE B 79 1.85 -20.98 -7.18
N ASP B 80 0.90 -21.45 -8.00
CA ASP B 80 0.03 -22.56 -7.66
C ASP B 80 -0.44 -23.24 -8.92
N VAL B 81 -0.46 -24.57 -8.94
CA VAL B 81 -0.99 -25.32 -10.07
C VAL B 81 -2.48 -25.07 -10.35
N MET B 82 -3.21 -24.70 -9.30
CA MET B 82 -4.63 -24.54 -9.34
C MET B 82 -5.03 -23.07 -9.45
N PRO B 83 -5.60 -22.68 -10.59
CA PRO B 83 -6.05 -21.31 -10.73
C PRO B 83 -7.04 -20.84 -9.63
N ARG B 84 -7.84 -21.75 -9.05
CA ARG B 84 -8.71 -21.37 -7.91
C ARG B 84 -7.92 -20.90 -6.68
N ALA B 85 -6.81 -21.56 -6.38
CA ALA B 85 -5.86 -21.09 -5.36
C ALA B 85 -5.37 -19.64 -5.60
N ILE B 86 -5.00 -19.32 -6.82
CA ILE B 86 -4.48 -17.98 -7.13
C ILE B 86 -5.60 -17.00 -6.90
N GLY B 87 -6.75 -17.33 -7.47
CA GLY B 87 -7.93 -16.52 -7.30
C GLY B 87 -8.25 -16.19 -5.86
N ARG B 88 -8.46 -17.22 -5.06
CA ARG B 88 -8.76 -17.07 -3.63
C ARG B 88 -7.67 -16.32 -2.87
N ALA B 89 -6.41 -16.69 -3.08
CA ALA B 89 -5.35 -16.02 -2.38
C ALA B 89 -5.25 -14.56 -2.79
N CYS B 90 -5.46 -14.29 -4.09
CA CYS B 90 -5.38 -12.92 -4.65
C CYS B 90 -6.42 -12.04 -3.95
N GLN B 91 -7.61 -12.59 -3.78
CA GLN B 91 -8.67 -11.84 -3.09
C GLN B 91 -8.33 -11.64 -1.60
N ARG B 92 -7.76 -12.65 -0.99
CA ARG B 92 -7.40 -12.57 0.41
C ARG B 92 -6.29 -11.54 0.73
N THR B 93 -5.29 -11.37 -0.15
CA THR B 93 -4.18 -10.48 0.07
C THR B 93 -4.35 -9.15 -0.64
N LYS B 94 -5.56 -8.79 -1.02
CA LYS B 94 -5.80 -7.57 -1.84
C LYS B 94 -5.38 -6.22 -1.22
N ARG B 95 -5.11 -6.17 0.08
CA ARG B 95 -4.60 -4.94 0.66
C ARG B 95 -3.23 -4.64 0.05
N TRP B 96 -2.51 -5.69 -0.37
CA TRP B 96 -1.14 -5.56 -0.86
C TRP B 96 -1.05 -5.56 -2.43
N SER B 97 -0.34 -4.58 -2.98
CA SER B 97 -0.13 -4.45 -4.42
C SER B 97 1.23 -4.96 -4.91
N HIS B 98 2.05 -5.54 -4.06
CA HIS B 98 3.39 -5.94 -4.47
C HIS B 98 3.51 -7.43 -4.67
N ILE B 99 2.36 -8.11 -4.85
CA ILE B 99 2.37 -9.54 -5.12
C ILE B 99 2.14 -9.81 -6.62
N SER B 100 2.93 -10.76 -7.10
CA SER B 100 2.74 -11.35 -8.42
C SER B 100 2.31 -12.81 -8.30
N TRP B 101 1.56 -13.25 -9.30
CA TRP B 101 0.94 -14.56 -9.31
C TRP B 101 1.25 -15.31 -10.60
N ALA B 102 1.37 -16.62 -10.48
CA ALA B 102 1.43 -17.54 -11.64
C ALA B 102 0.59 -18.81 -11.38
N ALA B 103 -0.43 -19.08 -12.19
CA ALA B 103 -1.17 -20.35 -12.12
C ALA B 103 -0.37 -21.44 -12.93
N THR B 104 0.77 -21.85 -12.41
CA THR B 104 1.71 -22.76 -13.06
C THR B 104 2.14 -23.81 -12.02
N ASP B 105 2.28 -25.05 -12.46
CA ASP B 105 2.95 -26.11 -11.69
C ASP B 105 4.43 -25.69 -11.44
N ILE B 106 5.00 -25.97 -10.28
CA ILE B 106 6.41 -25.73 -10.07
C ILE B 106 7.24 -26.46 -11.14
N LEU B 107 6.72 -27.57 -11.65
CA LEU B 107 7.41 -28.33 -12.73
C LEU B 107 7.62 -27.50 -14.02
N GLN B 108 6.72 -26.55 -14.28
CA GLN B 108 6.68 -25.79 -15.53
C GLN B 108 7.04 -24.32 -15.36
N PHE B 109 7.13 -23.85 -14.14
CA PHE B 109 7.55 -22.48 -13.89
C PHE B 109 8.99 -22.22 -14.33
N SER B 110 9.17 -21.18 -15.12
CA SER B 110 10.45 -20.90 -15.71
C SER B 110 10.62 -19.40 -15.62
N THR B 111 11.49 -18.97 -14.70
CA THR B 111 11.77 -17.57 -14.55
C THR B 111 13.30 -17.34 -14.55
N ALA B 112 13.67 -16.12 -14.93
CA ALA B 112 15.03 -15.57 -14.83
C ALA B 112 15.29 -15.03 -13.42
N GLU B 113 14.23 -14.65 -12.73
CA GLU B 113 14.31 -13.98 -11.44
C GLU B 113 15.02 -14.84 -10.39
N LEU B 114 15.70 -14.21 -9.43
CA LEU B 114 16.38 -14.88 -8.30
C LEU B 114 15.73 -14.39 -7.03
N PHE B 115 15.37 -15.33 -6.14
CA PHE B 115 14.69 -15.01 -4.95
C PHE B 115 15.53 -15.23 -3.75
N ASP B 116 15.39 -14.33 -2.78
CA ASP B 116 16.26 -14.41 -1.58
C ASP B 116 15.66 -15.24 -0.43
N LEU B 117 14.38 -15.51 -0.61
CA LEU B 117 13.44 -16.43 0.12
C LEU B 117 12.51 -17.19 -0.78
N ILE B 118 12.56 -18.53 -0.65
CA ILE B 118 11.58 -19.44 -1.28
C ILE B 118 10.91 -20.28 -0.18
N VAL B 119 9.59 -20.25 -0.16
CA VAL B 119 8.86 -20.99 0.80
C VAL B 119 8.13 -22.11 0.08
N VAL B 120 8.29 -23.33 0.60
CA VAL B 120 7.72 -24.52 -0.03
C VAL B 120 7.21 -25.50 1.04
N ALA B 121 5.93 -25.43 1.32
CA ALA B 121 5.37 -26.08 2.46
C ALA B 121 4.08 -26.85 2.07
N GLU B 122 4.12 -28.14 2.36
CA GLU B 122 2.95 -29.05 2.21
C GLU B 122 2.45 -29.07 0.79
N VAL B 123 3.42 -29.11 -0.14
CA VAL B 123 3.13 -29.03 -1.54
C VAL B 123 3.79 -30.10 -2.39
N LEU B 124 5.03 -30.47 -2.06
CA LEU B 124 5.81 -31.34 -2.96
C LEU B 124 5.23 -32.77 -2.99
N TYR B 125 4.63 -33.19 -1.89
CA TYR B 125 4.07 -34.51 -1.91
C TYR B 125 2.92 -34.75 -2.88
N TYR B 126 2.40 -33.71 -3.50
CA TYR B 126 1.38 -33.86 -4.49
C TYR B 126 1.99 -34.24 -5.85
N LEU B 127 3.33 -34.20 -5.94
CA LEU B 127 3.99 -34.61 -7.21
C LEU B 127 3.90 -36.11 -7.34
N GLU B 128 3.90 -36.61 -8.58
CA GLU B 128 3.51 -37.98 -8.84
C GLU B 128 4.62 -38.96 -8.51
N ASP B 129 5.88 -38.53 -8.61
CA ASP B 129 7.01 -39.45 -8.39
C ASP B 129 8.31 -38.71 -8.05
N MET B 130 9.39 -39.45 -7.83
CA MET B 130 10.64 -38.85 -7.46
C MET B 130 11.38 -38.20 -8.66
N THR B 131 11.05 -38.61 -9.87
CA THR B 131 11.63 -37.95 -11.03
C THR B 131 11.15 -36.51 -11.02
N GLN B 132 9.83 -36.36 -10.85
CA GLN B 132 9.25 -35.02 -10.71
C GLN B 132 9.65 -34.27 -9.50
N MET B 133 9.76 -34.96 -8.37
CA MET B 133 10.19 -34.26 -7.17
C MET B 133 11.58 -33.63 -7.33
N ARG B 134 12.52 -34.39 -7.90
CA ARG B 134 13.88 -33.91 -8.15
C ARG B 134 13.86 -32.77 -9.16
N THR B 135 12.98 -32.88 -10.17
CA THR B 135 12.80 -31.80 -11.16
C THR B 135 12.40 -30.49 -10.47
N ALA B 136 11.37 -30.56 -9.62
CA ALA B 136 10.88 -29.42 -8.87
C ALA B 136 11.97 -28.88 -7.98
N ILE B 137 12.70 -29.78 -7.31
CA ILE B 137 13.74 -29.37 -6.40
C ILE B 137 14.88 -28.63 -7.11
N ASP B 138 15.32 -29.14 -8.25
CA ASP B 138 16.35 -28.48 -9.04
C ASP B 138 15.89 -27.07 -9.46
N ASN B 139 14.62 -26.94 -9.85
CA ASN B 139 14.08 -25.65 -10.30
C ASN B 139 14.08 -24.66 -9.13
N MET B 140 13.62 -25.10 -7.97
CA MET B 140 13.67 -24.25 -6.77
C MET B 140 15.14 -23.84 -6.51
N VAL B 141 16.04 -24.79 -6.55
CA VAL B 141 17.42 -24.45 -6.19
C VAL B 141 17.97 -23.39 -7.14
N LYS B 142 17.65 -23.55 -8.41
CA LYS B 142 18.03 -22.65 -9.48
C LYS B 142 17.56 -21.23 -9.29
N MET B 143 16.37 -21.06 -8.74
CA MET B 143 15.78 -19.72 -8.59
C MET B 143 16.30 -18.94 -7.36
N LEU B 144 17.11 -19.56 -6.54
CA LEU B 144 17.53 -18.95 -5.29
C LEU B 144 18.73 -18.03 -5.48
N ALA B 145 18.69 -16.82 -4.96
CA ALA B 145 19.82 -15.89 -5.16
C ALA B 145 20.92 -16.37 -4.31
N PRO B 146 22.14 -16.02 -4.67
CA PRO B 146 23.18 -16.24 -3.71
C PRO B 146 22.89 -15.71 -2.27
N GLY B 147 23.02 -16.58 -1.29
CA GLY B 147 22.80 -16.21 0.07
C GLY B 147 21.32 -16.30 0.38
N GLY B 148 20.55 -16.69 -0.60
CA GLY B 148 19.12 -16.84 -0.43
C GLY B 148 18.86 -18.00 0.47
N HIS B 149 17.70 -18.00 1.11
CA HIS B 149 17.30 -19.08 1.94
C HIS B 149 16.06 -19.71 1.39
N LEU B 150 15.94 -21.00 1.59
CA LEU B 150 14.72 -21.75 1.24
C LEU B 150 14.16 -22.38 2.49
N VAL B 151 12.85 -22.19 2.70
CA VAL B 151 12.18 -22.70 3.91
C VAL B 151 11.24 -23.75 3.42
N PHE B 152 11.47 -24.97 3.90
CA PHE B 152 10.78 -26.15 3.47
C PHE B 152 10.02 -26.75 4.65
N GLY B 153 8.82 -27.24 4.35
CA GLY B 153 7.98 -27.84 5.39
C GLY B 153 7.17 -28.97 4.78
N SER B 154 7.01 -30.05 5.53
CA SER B 154 6.24 -31.19 5.05
C SER B 154 5.87 -32.20 6.12
N ALA B 155 4.69 -32.80 5.95
CA ALA B 155 4.37 -34.04 6.62
C ALA B 155 5.50 -35.02 6.36
N ARG B 156 5.82 -35.83 7.36
CA ARG B 156 6.86 -36.84 7.26
C ARG B 156 6.57 -37.96 6.22
N ASP B 157 7.63 -38.64 5.80
CA ASP B 157 7.56 -39.67 4.76
C ASP B 157 6.45 -40.67 5.06
N ALA B 158 6.52 -41.25 6.26
CA ALA B 158 5.54 -42.25 6.68
C ALA B 158 4.11 -41.77 6.54
N THR B 159 3.83 -40.54 6.99
CA THR B 159 2.43 -40.06 6.87
C THR B 159 2.03 -39.76 5.42
N CYS B 160 2.97 -39.25 4.63
CA CYS B 160 2.72 -39.02 3.19
C CYS B 160 2.36 -40.32 2.43
N ARG B 161 3.05 -41.41 2.72
CA ARG B 161 2.78 -42.69 2.06
C ARG B 161 1.44 -43.27 2.52
N ARG B 162 1.12 -43.10 3.80
CA ARG B 162 -0.21 -43.43 4.30
C ARG B 162 -1.31 -42.69 3.51
N TRP B 163 -1.03 -41.46 3.08
CA TRP B 163 -1.98 -40.69 2.27
C TRP B 163 -1.90 -41.01 0.76
N GLY B 164 -1.08 -41.99 0.38
CA GLY B 164 -0.97 -42.39 -1.01
C GLY B 164 0.01 -41.59 -1.83
N HIS B 165 0.87 -40.82 -1.16
CA HIS B 165 1.91 -40.09 -1.85
C HIS B 165 3.25 -40.85 -1.70
N VAL B 166 4.29 -40.41 -2.41
CA VAL B 166 5.50 -41.22 -2.58
C VAL B 166 6.54 -40.91 -1.51
N ALA B 167 6.67 -39.64 -1.14
CA ALA B 167 7.59 -39.24 -0.06
C ALA B 167 7.28 -37.89 0.57
N GLY B 168 7.99 -37.64 1.67
CA GLY B 168 7.71 -36.50 2.52
C GLY B 168 8.98 -35.80 2.97
N ALA B 169 8.93 -35.22 4.17
CA ALA B 169 9.98 -34.32 4.67
C ALA B 169 11.38 -34.91 4.62
N GLU B 170 11.57 -36.05 5.25
CA GLU B 170 12.88 -36.63 5.36
C GLU B 170 13.50 -36.82 3.97
N THR B 171 12.74 -37.37 3.04
CA THR B 171 13.24 -37.62 1.68
C THR B 171 13.71 -36.33 0.94
N VAL B 172 12.93 -35.28 1.01
CA VAL B 172 13.20 -34.00 0.34
C VAL B 172 14.38 -33.29 1.00
N ILE B 173 14.41 -33.32 2.33
CA ILE B 173 15.47 -32.69 3.09
C ILE B 173 16.81 -33.32 2.69
N THR B 174 16.88 -34.63 2.54
CA THR B 174 18.12 -35.28 2.04
C THR B 174 18.54 -34.75 0.65
N ILE B 175 17.61 -34.60 -0.26
CA ILE B 175 17.92 -34.11 -1.61
C ILE B 175 18.36 -32.61 -1.61
N LEU B 176 17.67 -31.80 -0.79
CA LEU B 176 17.96 -30.39 -0.62
C LEU B 176 19.34 -30.20 -0.03
N THR B 177 19.80 -31.11 0.84
CA THR B 177 21.11 -30.98 1.49
C THR B 177 22.26 -31.22 0.49
N GLU B 178 21.92 -31.85 -0.64
CA GLU B 178 22.88 -32.05 -1.73
C GLU B 178 23.46 -30.72 -2.27
N ALA B 179 22.55 -29.78 -2.44
CA ALA B 179 22.76 -28.43 -3.02
C ALA B 179 22.83 -27.31 -1.98
N LEU B 180 22.04 -27.42 -0.91
CA LEU B 180 21.93 -26.35 0.09
C LEU B 180 22.48 -26.73 1.49
N THR B 181 22.92 -25.70 2.26
CA THR B 181 23.37 -25.83 3.65
C THR B 181 22.09 -25.74 4.54
N GLU B 182 21.84 -26.76 5.37
CA GLU B 182 20.79 -26.67 6.38
C GLU B 182 21.30 -25.85 7.55
N VAL B 183 20.54 -24.83 7.87
CA VAL B 183 20.87 -23.84 8.88
C VAL B 183 20.02 -24.04 10.14
N GLU B 184 18.81 -24.58 9.99
CA GLU B 184 17.95 -24.76 11.15
C GLU B 184 16.89 -25.76 10.79
N ARG B 185 16.42 -26.53 11.78
CA ARG B 185 15.21 -27.30 11.64
C ARG B 185 14.29 -27.24 12.90
N VAL B 186 13.06 -27.69 12.71
CA VAL B 186 12.08 -27.66 13.80
C VAL B 186 11.00 -28.65 13.46
N GLN B 187 10.44 -29.30 14.48
CA GLN B 187 9.36 -30.26 14.30
C GLN B 187 8.09 -29.70 14.96
N CYS B 188 6.94 -29.92 14.47
CA CYS B 188 5.62 -29.46 14.96
C CYS B 188 4.68 -30.61 15.01
N GLN B 189 4.03 -30.83 16.01
CA GLN B 189 3.21 -31.99 16.28
C GLN B 189 1.84 -31.51 16.67
N GLY B 190 0.81 -32.20 16.17
CA GLY B 190 -0.56 -31.90 16.55
C GLY B 190 -1.26 -33.03 17.27
N GLN B 191 -2.52 -33.26 16.93
CA GLN B 191 -3.38 -34.16 17.70
C GLN B 191 -3.31 -35.61 17.24
N SER B 192 -2.84 -35.84 16.02
CA SER B 192 -2.71 -37.19 15.47
C SER B 192 -1.37 -37.44 14.80
N ALA B 193 -1.17 -38.70 14.46
CA ALA B 193 -0.06 -39.09 13.60
C ALA B 193 -0.09 -38.30 12.28
N ASP B 194 -1.27 -37.85 11.89
CA ASP B 194 -1.41 -37.07 10.65
C ASP B 194 -0.90 -35.63 10.79
N GLU B 195 -0.61 -35.21 12.01
CA GLU B 195 -0.16 -33.85 12.30
C GLU B 195 1.23 -33.99 12.88
N ASP B 196 2.22 -34.00 11.99
CA ASP B 196 3.57 -34.35 12.38
C ASP B 196 4.52 -33.88 11.29
N CYS B 197 4.88 -32.59 11.38
CA CYS B 197 5.58 -31.81 10.35
C CYS B 197 7.05 -31.63 10.70
N LEU B 198 7.91 -31.68 9.68
CA LEU B 198 9.33 -31.34 9.80
C LEU B 198 9.60 -30.15 8.88
N LEU B 199 10.10 -29.08 9.45
CA LEU B 199 10.40 -27.85 8.71
C LEU B 199 11.91 -27.66 8.83
N ALA B 200 12.52 -27.19 7.75
CA ALA B 200 13.95 -26.89 7.71
C ALA B 200 14.13 -25.64 6.87
N ARG B 201 15.13 -24.86 7.28
CA ARG B 201 15.59 -23.69 6.59
C ARG B 201 16.99 -24.00 6.08
N PHE B 202 17.14 -23.74 4.79
CA PHE B 202 18.37 -23.95 4.01
C PHE B 202 18.91 -22.66 3.46
N ARG B 203 20.24 -22.52 3.38
CA ARG B 203 20.89 -21.41 2.70
C ARG B 203 21.62 -21.87 1.44
N ASN B 204 21.56 -21.03 0.40
CA ASN B 204 22.39 -21.24 -0.81
C ASN B 204 23.83 -20.89 -0.57
N PRO B 205 24.74 -21.90 -0.68
CA PRO B 205 26.13 -21.73 -0.35
C PRO B 205 26.92 -20.80 -1.29
N GLU B 206 26.28 -20.40 -2.38
CA GLU B 206 26.71 -19.36 -3.33
C GLU B 206 26.97 -20.01 -4.68
N ASP C 11 -1.42 21.70 21.11
CA ASP C 11 -0.47 20.65 20.59
C ASP C 11 -0.87 19.27 21.14
N ASN C 12 -2.17 19.04 21.34
CA ASN C 12 -2.71 17.96 22.17
C ASN C 12 -2.34 16.56 21.69
N THR C 13 -2.05 15.68 22.63
CA THR C 13 -1.73 14.30 22.28
C THR C 13 -3.00 13.68 21.68
N TYR C 14 -4.11 13.84 22.40
CA TYR C 14 -5.39 13.35 21.94
C TYR C 14 -5.74 13.82 20.52
N GLN C 15 -5.44 15.09 20.24
CA GLN C 15 -5.73 15.69 18.93
C GLN C 15 -4.98 14.99 17.84
N SER C 16 -3.70 14.71 18.07
CA SER C 16 -2.88 14.05 17.08
C SER C 16 -3.33 12.60 16.90
N LEU C 17 -3.66 11.93 18.01
CA LEU C 17 -4.18 10.56 17.92
C LEU C 17 -5.47 10.56 17.08
N GLU C 18 -6.38 11.46 17.39
CA GLU C 18 -7.68 11.46 16.72
C GLU C 18 -7.51 11.78 15.21
N ARG C 19 -6.55 12.66 14.88
CA ARG C 19 -6.30 12.99 13.44
C ARG C 19 -5.74 11.79 12.68
N GLU C 20 -4.72 11.12 13.21
CA GLU C 20 -4.16 9.96 12.53
C GLU C 20 -5.20 8.85 12.34
N LEU C 21 -6.03 8.66 13.38
CA LEU C 21 -7.02 7.57 13.37
C LEU C 21 -8.22 7.80 12.43
N ALA C 22 -8.33 9.00 11.91
CA ALA C 22 -9.36 9.33 10.89
C ALA C 22 -8.78 9.23 9.48
N ASN C 23 -7.52 8.89 9.36
CA ASN C 23 -6.93 8.88 8.01
C ASN C 23 -7.07 7.48 7.42
N ASP C 24 -7.02 7.38 6.10
CA ASP C 24 -7.08 6.06 5.46
C ASP C 24 -6.01 5.12 5.99
N ASP C 25 -4.81 5.64 6.21
CA ASP C 25 -3.67 4.85 6.66
C ASP C 25 -2.98 5.53 7.88
N PRO C 26 -3.49 5.30 9.10
CA PRO C 26 -2.94 5.97 10.25
C PRO C 26 -1.45 5.67 10.40
N TRP C 27 -0.68 6.75 10.61
CA TRP C 27 0.75 6.70 10.78
C TRP C 27 1.47 6.09 9.60
N ARG C 28 0.78 6.00 8.47
CA ARG C 28 1.38 5.40 7.25
C ARG C 28 1.97 4.01 7.50
N LEU C 29 1.29 3.27 8.36
CA LEU C 29 1.77 1.94 8.80
C LEU C 29 1.70 0.90 7.66
N ASP C 30 0.73 1.04 6.74
CA ASP C 30 0.64 0.14 5.58
C ASP C 30 1.52 0.55 4.41
N ASP C 31 1.60 1.85 4.12
CA ASP C 31 2.27 2.31 2.91
C ASP C 31 3.76 2.55 3.07
N ASN C 32 4.19 2.97 4.26
CA ASN C 32 5.60 3.38 4.47
C ASN C 32 6.53 2.18 4.58
N PRO C 33 7.48 2.00 3.63
CA PRO C 33 8.38 0.82 3.74
C PRO C 33 9.19 0.68 5.05
N PHE C 34 9.59 1.81 5.66
CA PHE C 34 10.15 1.84 7.04
C PHE C 34 9.21 1.21 8.04
N GLU C 35 7.97 1.63 8.02
CA GLU C 35 7.04 1.05 9.00
C GLU C 35 6.81 -0.43 8.78
N ARG C 36 6.71 -0.88 7.54
CA ARG C 36 6.58 -2.32 7.36
C ARG C 36 7.79 -3.07 7.88
N GLU C 37 8.99 -2.56 7.61
CA GLU C 37 10.21 -3.19 8.10
C GLU C 37 10.34 -3.17 9.63
N ARG C 38 9.95 -2.06 10.25
CA ARG C 38 9.76 -2.03 11.72
C ARG C 38 8.80 -3.11 12.19
N HIS C 39 7.67 -3.25 11.52
CA HIS C 39 6.77 -4.35 11.91
C HIS C 39 7.34 -5.75 11.71
N THR C 40 8.10 -5.97 10.63
CA THR C 40 8.86 -7.20 10.50
C THR C 40 9.79 -7.49 11.69
N GLN C 41 10.55 -6.50 12.14
CA GLN C 41 11.38 -6.69 13.33
C GLN C 41 10.56 -6.91 14.61
N LEU C 42 9.44 -6.19 14.74
CA LEU C 42 8.58 -6.32 15.89
C LEU C 42 8.07 -7.75 15.95
N LEU C 43 7.54 -8.25 14.82
CA LEU C 43 7.10 -9.64 14.70
C LEU C 43 8.24 -10.69 14.82
N ARG C 44 9.38 -10.47 14.19
CA ARG C 44 10.44 -11.43 14.28
C ARG C 44 10.77 -11.62 15.77
N LEU C 45 10.91 -10.52 16.50
CA LEU C 45 11.19 -10.55 17.94
C LEU C 45 10.04 -11.27 18.72
N SER C 46 8.79 -11.01 18.36
CA SER C 46 7.67 -11.64 19.06
C SER C 46 7.57 -13.15 18.85
N LEU C 47 8.10 -13.64 17.71
CA LEU C 47 8.01 -15.05 17.34
C LEU C 47 9.25 -15.86 17.66
N SER C 48 10.29 -15.23 18.19
CA SER C 48 11.53 -15.92 18.48
C SER C 48 11.39 -17.18 19.33
N SER C 49 10.36 -17.27 20.18
CA SER C 49 10.09 -18.48 21.00
C SER C 49 8.98 -19.39 20.51
N GLY C 50 8.56 -19.22 19.26
CA GLY C 50 7.48 -20.00 18.70
C GLY C 50 6.13 -19.32 18.95
N ALA C 51 5.08 -20.13 19.06
CA ALA C 51 3.74 -19.57 19.18
C ALA C 51 3.47 -19.11 20.64
N VAL C 52 2.52 -18.23 20.77
CA VAL C 52 2.28 -17.52 22.00
C VAL C 52 0.92 -18.03 22.56
N SER C 53 0.82 -18.17 23.85
CA SER C 53 -0.41 -18.66 24.50
C SER C 53 -1.37 -17.54 24.83
N ASN C 54 -0.83 -16.41 25.28
CA ASN C 54 -1.65 -15.30 25.84
C ASN C 54 -0.88 -14.00 25.66
N GLY C 55 -1.13 -13.31 24.56
CA GLY C 55 -0.36 -12.13 24.25
C GLY C 55 -1.18 -10.89 24.52
N LEU C 56 -0.52 -9.76 24.67
CA LEU C 56 -1.16 -8.46 24.88
C LEU C 56 -0.47 -7.50 23.93
N GLU C 57 -1.23 -6.71 23.16
CA GLU C 57 -0.66 -5.60 22.36
C GLU C 57 -1.18 -4.31 22.95
N ILE C 58 -0.25 -3.44 23.31
CA ILE C 58 -0.55 -2.09 23.87
C ILE C 58 -0.42 -1.00 22.77
N GLY C 59 -1.58 -0.51 22.33
CA GLY C 59 -1.69 0.53 21.29
C GLY C 59 -1.75 -0.12 19.90
N CYS C 60 -2.93 -0.14 19.26
CA CYS C 60 -3.11 -0.95 18.09
C CYS C 60 -3.29 -0.16 16.81
N ALA C 61 -3.38 1.16 16.88
CA ALA C 61 -3.72 1.97 15.70
C ALA C 61 -4.90 1.37 14.93
N ALA C 62 -4.77 1.14 13.60
CA ALA C 62 -5.84 0.58 12.79
C ALA C 62 -5.68 -0.92 12.59
N GLY C 63 -4.89 -1.53 13.47
CA GLY C 63 -4.77 -2.98 13.57
C GLY C 63 -3.81 -3.60 12.57
N ALA C 64 -2.97 -2.79 11.96
CA ALA C 64 -1.96 -3.37 11.05
C ALA C 64 -1.05 -4.37 11.76
N PHE C 65 -0.54 -4.03 12.94
CA PHE C 65 0.27 -5.02 13.63
C PHE C 65 -0.56 -6.08 14.26
N THR C 66 -1.66 -5.71 14.86
CA THR C 66 -2.63 -6.69 15.40
C THR C 66 -2.84 -7.87 14.45
N GLU C 67 -3.16 -7.57 13.20
CA GLU C 67 -3.46 -8.59 12.24
C GLU C 67 -2.24 -9.50 11.94
N LYS C 68 -1.06 -8.93 12.00
CA LYS C 68 0.16 -9.74 11.82
C LYS C 68 0.46 -10.59 13.05
N LEU C 69 0.09 -10.11 14.22
CA LEU C 69 0.38 -10.81 15.47
C LEU C 69 -0.67 -11.91 15.79
N ALA C 70 -1.92 -11.60 15.50
CA ALA C 70 -3.05 -12.38 15.96
C ALA C 70 -3.01 -13.90 15.65
N PRO C 71 -2.54 -14.28 14.43
CA PRO C 71 -2.63 -15.72 14.19
C PRO C 71 -1.60 -16.55 14.92
N HIS C 72 -0.75 -15.92 15.67
CA HIS C 72 0.31 -16.61 16.31
C HIS C 72 0.13 -16.67 17.80
N CYS C 73 -1.03 -16.22 18.29
CA CYS C 73 -1.30 -16.11 19.72
C CYS C 73 -2.55 -16.92 19.96
N LYS C 74 -2.56 -17.92 20.84
CA LYS C 74 -3.80 -18.65 21.11
C LYS C 74 -4.90 -17.74 21.62
N ARG C 75 -4.53 -16.79 22.47
CA ARG C 75 -5.39 -15.70 22.84
C ARG C 75 -4.64 -14.45 22.72
N LEU C 76 -5.35 -13.37 22.32
CA LEU C 76 -4.74 -12.08 22.14
C LEU C 76 -5.68 -11.05 22.75
N THR C 77 -5.08 -10.16 23.50
CA THR C 77 -5.72 -9.02 24.17
C THR C 77 -5.06 -7.73 23.66
N VAL C 78 -5.88 -6.77 23.34
CA VAL C 78 -5.45 -5.54 22.67
C VAL C 78 -6.04 -4.33 23.39
N ILE C 79 -5.18 -3.45 23.87
CA ILE C 79 -5.65 -2.27 24.59
C ILE C 79 -5.24 -1.03 23.77
N ASP C 80 -6.09 -0.01 23.87
CA ASP C 80 -5.92 1.29 23.28
C ASP C 80 -6.74 2.33 24.01
N VAL C 81 -6.12 3.49 24.21
CA VAL C 81 -6.76 4.59 24.84
C VAL C 81 -7.87 5.23 23.96
N MET C 82 -7.78 5.03 22.64
CA MET C 82 -8.74 5.61 21.68
C MET C 82 -9.82 4.57 21.24
N PRO C 83 -11.09 4.82 21.58
CA PRO C 83 -12.08 3.88 21.03
C PRO C 83 -12.06 3.71 19.52
N ARG C 84 -11.73 4.77 18.77
CA ARG C 84 -11.72 4.66 17.34
C ARG C 84 -10.61 3.69 16.87
N ALA C 85 -9.49 3.57 17.59
CA ALA C 85 -8.54 2.53 17.28
C ALA C 85 -9.10 1.11 17.49
N ILE C 86 -9.80 0.94 18.59
CA ILE C 86 -10.38 -0.39 18.82
C ILE C 86 -11.36 -0.68 17.67
N GLY C 87 -12.14 0.30 17.26
CA GLY C 87 -13.14 0.03 16.24
C GLY C 87 -12.55 -0.30 14.88
N ARG C 88 -11.51 0.42 14.52
CA ARG C 88 -10.84 0.16 13.24
C ARG C 88 -10.06 -1.16 13.23
N ALA C 89 -9.35 -1.44 14.31
CA ALA C 89 -8.52 -2.62 14.41
C ALA C 89 -9.34 -3.89 14.42
N CYS C 90 -10.48 -3.82 15.07
CA CYS C 90 -11.34 -4.99 15.15
C CYS C 90 -12.16 -5.24 13.90
N GLN C 91 -12.44 -4.23 13.06
CA GLN C 91 -12.84 -4.54 11.68
C GLN C 91 -11.73 -5.21 10.88
N ARG C 92 -10.51 -4.73 11.03
CA ARG C 92 -9.43 -5.27 10.23
C ARG C 92 -9.14 -6.74 10.57
N THR C 93 -9.25 -7.10 11.85
CA THR C 93 -8.90 -8.46 12.28
C THR C 93 -10.09 -9.36 12.41
N LYS C 94 -11.19 -9.07 11.71
CA LYS C 94 -12.44 -9.79 12.03
C LYS C 94 -12.46 -11.30 11.71
N ARG C 95 -11.50 -11.73 10.88
CA ARG C 95 -11.17 -13.14 10.59
C ARG C 95 -10.93 -13.91 11.89
N TRP C 96 -10.37 -13.24 12.89
CA TRP C 96 -9.79 -13.94 14.06
C TRP C 96 -10.67 -13.76 15.27
N SER C 97 -11.35 -14.86 15.68
CA SER C 97 -12.30 -14.97 16.84
C SER C 97 -11.73 -15.00 18.28
N HIS C 98 -10.41 -14.94 18.41
CA HIS C 98 -9.81 -15.16 19.69
C HIS C 98 -9.22 -13.86 20.22
N ILE C 99 -9.63 -12.69 19.67
CA ILE C 99 -9.12 -11.41 20.14
C ILE C 99 -10.08 -10.73 21.06
N SER C 100 -9.53 -10.20 22.15
CA SER C 100 -10.36 -9.37 23.07
C SER C 100 -9.71 -7.99 23.17
N TRP C 101 -10.52 -6.98 23.38
CA TRP C 101 -10.11 -5.59 23.26
C TRP C 101 -10.54 -4.86 24.52
N ALA C 102 -9.79 -3.84 24.92
CA ALA C 102 -10.26 -2.99 26.00
C ALA C 102 -9.95 -1.55 25.56
N ALA C 103 -10.92 -0.62 25.54
CA ALA C 103 -10.65 0.78 25.15
C ALA C 103 -10.28 1.54 26.42
N THR C 104 -9.04 1.37 26.87
CA THR C 104 -8.52 1.86 28.17
C THR C 104 -7.10 2.34 28.01
N ASP C 105 -6.72 3.36 28.75
CA ASP C 105 -5.32 3.79 28.83
C ASP C 105 -4.56 2.67 29.54
N ILE C 106 -3.34 2.36 29.10
CA ILE C 106 -2.44 1.44 29.79
C ILE C 106 -2.35 1.85 31.26
N LEU C 107 -2.44 3.14 31.58
CA LEU C 107 -2.36 3.55 32.96
C LEU C 107 -3.53 3.06 33.82
N GLN C 108 -4.68 2.79 33.20
CA GLN C 108 -5.89 2.36 33.93
C GLN C 108 -6.28 0.92 33.68
N PHE C 109 -5.46 0.19 32.94
CA PHE C 109 -5.78 -1.17 32.61
C PHE C 109 -5.44 -2.05 33.81
N SER C 110 -6.44 -2.79 34.26
CA SER C 110 -6.34 -3.67 35.42
C SER C 110 -6.72 -5.08 34.99
N THR C 111 -5.81 -6.02 35.15
CA THR C 111 -6.11 -7.40 34.85
C THR C 111 -5.48 -8.34 35.88
N ALA C 112 -6.09 -9.51 36.04
CA ALA C 112 -5.55 -10.61 36.81
C ALA C 112 -4.80 -11.54 35.88
N GLU C 113 -4.88 -11.28 34.56
CA GLU C 113 -4.18 -12.10 33.55
C GLU C 113 -2.68 -11.97 33.61
N LEU C 114 -1.98 -13.04 33.26
CA LEU C 114 -0.54 -12.99 33.01
C LEU C 114 -0.31 -13.30 31.55
N PHE C 115 0.55 -12.53 30.88
CA PHE C 115 0.77 -12.67 29.45
C PHE C 115 2.16 -13.19 29.19
N ASP C 116 2.27 -14.15 28.28
CA ASP C 116 3.61 -14.66 27.94
C ASP C 116 4.24 -13.80 26.86
N LEU C 117 3.47 -12.95 26.20
CA LEU C 117 4.04 -11.97 25.29
C LEU C 117 3.33 -10.63 25.47
N ILE C 118 4.11 -9.56 25.67
CA ILE C 118 3.55 -8.20 25.70
C ILE C 118 4.30 -7.38 24.65
N VAL C 119 3.57 -6.76 23.73
CA VAL C 119 4.08 -5.89 22.66
C VAL C 119 3.71 -4.44 22.90
N VAL C 120 4.74 -3.61 23.03
CA VAL C 120 4.59 -2.21 23.37
C VAL C 120 5.48 -1.39 22.44
N ALA C 121 4.91 -0.94 21.33
CA ALA C 121 5.62 -0.33 20.23
C ALA C 121 4.96 1.00 19.85
N GLU C 122 5.81 2.02 19.84
CA GLU C 122 5.46 3.39 19.45
C GLU C 122 4.22 3.92 20.19
N VAL C 123 4.23 3.73 21.49
CA VAL C 123 3.05 4.11 22.32
C VAL C 123 3.45 4.85 23.61
N LEU C 124 4.50 4.40 24.31
CA LEU C 124 4.87 4.98 25.64
C LEU C 124 5.18 6.47 25.63
N TYR C 125 5.81 6.94 24.56
CA TYR C 125 6.06 8.37 24.40
C TYR C 125 4.85 9.28 24.36
N TYR C 126 3.63 8.75 24.21
CA TYR C 126 2.49 9.61 24.23
C TYR C 126 2.11 9.87 25.68
N LEU C 127 2.72 9.19 26.65
CA LEU C 127 2.42 9.50 28.06
C LEU C 127 2.95 10.90 28.38
N GLU C 128 2.29 11.55 29.32
CA GLU C 128 2.50 12.96 29.61
C GLU C 128 3.91 13.18 30.18
N ASP C 129 4.38 12.24 31.02
CA ASP C 129 5.67 12.45 31.68
C ASP C 129 6.30 11.16 32.16
N MET C 130 7.45 11.26 32.83
CA MET C 130 8.19 10.07 33.24
C MET C 130 7.61 9.37 34.43
N THR C 131 6.87 10.08 35.29
CA THR C 131 6.19 9.47 36.41
C THR C 131 5.06 8.54 35.86
N GLN C 132 4.31 9.03 34.88
CA GLN C 132 3.30 8.18 34.19
C GLN C 132 3.94 7.05 33.43
N MET C 133 5.05 7.32 32.76
CA MET C 133 5.68 6.31 31.97
C MET C 133 6.13 5.20 32.90
N ARG C 134 6.65 5.55 34.06
CA ARG C 134 7.20 4.57 35.00
C ARG C 134 6.10 3.75 35.57
N THR C 135 4.95 4.40 35.87
CA THR C 135 3.78 3.68 36.33
C THR C 135 3.30 2.67 35.27
N ALA C 136 3.26 3.10 34.01
CA ALA C 136 2.85 2.20 32.94
C ALA C 136 3.81 1.03 32.78
N ILE C 137 5.12 1.28 32.84
CA ILE C 137 6.07 0.20 32.72
C ILE C 137 5.96 -0.79 33.88
N ASP C 138 5.73 -0.28 35.08
CA ASP C 138 5.52 -1.13 36.29
C ASP C 138 4.28 -2.04 36.11
N ASN C 139 3.25 -1.49 35.51
CA ASN C 139 2.02 -2.24 35.28
C ASN C 139 2.20 -3.34 34.26
N MET C 140 2.89 -3.06 33.16
CA MET C 140 3.28 -4.13 32.21
C MET C 140 4.12 -5.24 32.81
N VAL C 141 5.08 -4.86 33.65
CA VAL C 141 5.99 -5.85 34.20
C VAL C 141 5.20 -6.77 35.07
N LYS C 142 4.28 -6.25 35.84
CA LYS C 142 3.42 -7.04 36.70
C LYS C 142 2.47 -8.01 35.97
N MET C 143 2.12 -7.71 34.72
CA MET C 143 1.25 -8.59 33.92
C MET C 143 2.00 -9.64 33.11
N LEU C 144 3.34 -9.62 33.13
CA LEU C 144 4.19 -10.56 32.40
C LEU C 144 4.37 -11.89 33.10
N ALA C 145 3.97 -13.00 32.44
CA ALA C 145 3.98 -14.30 33.04
C ALA C 145 5.42 -14.66 33.33
N PRO C 146 5.67 -15.57 34.29
CA PRO C 146 7.06 -16.01 34.48
C PRO C 146 7.66 -16.60 33.23
N GLY C 147 8.90 -16.23 32.88
CA GLY C 147 9.50 -16.73 31.66
C GLY C 147 8.96 -16.01 30.40
N GLY C 148 7.95 -15.15 30.58
CA GLY C 148 7.38 -14.35 29.50
C GLY C 148 8.30 -13.29 28.93
N HIS C 149 7.95 -12.83 27.72
CA HIS C 149 8.78 -11.84 27.03
C HIS C 149 7.98 -10.56 26.73
N LEU C 150 8.66 -9.45 26.86
CA LEU C 150 8.17 -8.16 26.44
C LEU C 150 9.05 -7.68 25.30
N VAL C 151 8.36 -7.32 24.22
CA VAL C 151 8.92 -6.75 23.02
C VAL C 151 8.56 -5.28 22.93
N PHE C 152 9.59 -4.46 23.00
CA PHE C 152 9.42 -3.01 23.02
C PHE C 152 10.04 -2.41 21.80
N GLY C 153 9.40 -1.37 21.29
CA GLY C 153 9.90 -0.62 20.14
C GLY C 153 9.61 0.85 20.27
N SER C 154 10.56 1.69 19.85
CA SER C 154 10.26 3.12 19.90
C SER C 154 11.25 3.91 19.11
N ALA C 155 10.80 5.02 18.56
CA ALA C 155 11.63 6.10 18.16
C ALA C 155 12.66 6.48 19.26
N ARG C 156 13.85 6.94 18.90
CA ARG C 156 14.81 7.29 19.93
C ARG C 156 14.39 8.51 20.74
N ASP C 157 15.02 8.69 21.90
CA ASP C 157 14.82 9.83 22.79
C ASP C 157 14.86 11.18 22.07
N ALA C 158 15.90 11.41 21.27
CA ALA C 158 16.07 12.72 20.68
C ALA C 158 15.02 13.03 19.63
N THR C 159 14.62 12.01 18.87
CA THR C 159 13.44 12.07 17.99
C THR C 159 12.16 12.37 18.73
N CYS C 160 11.90 11.62 19.81
CA CYS C 160 10.71 11.86 20.61
C CYS C 160 10.72 13.26 21.20
N ARG C 161 11.91 13.80 21.50
CA ARG C 161 11.92 15.14 22.09
C ARG C 161 11.62 16.20 21.04
N ARG C 162 12.11 16.03 19.80
CA ARG C 162 11.74 16.91 18.67
C ARG C 162 10.24 16.87 18.41
N TRP C 163 9.64 15.71 18.63
CA TRP C 163 8.20 15.55 18.48
C TRP C 163 7.39 16.14 19.63
N GLY C 164 8.07 16.67 20.64
CA GLY C 164 7.41 17.24 21.79
C GLY C 164 7.18 16.31 22.97
N HIS C 165 7.72 15.10 22.92
CA HIS C 165 7.45 14.12 23.98
C HIS C 165 8.61 14.09 24.92
N VAL C 166 8.43 13.44 26.06
CA VAL C 166 9.42 13.52 27.14
C VAL C 166 10.61 12.60 26.86
N ALA C 167 10.32 11.37 26.45
CA ALA C 167 11.38 10.37 26.20
C ALA C 167 11.01 9.26 25.23
N GLY C 168 12.04 8.50 24.85
CA GLY C 168 12.04 7.51 23.76
C GLY C 168 12.70 6.20 24.16
N ALA C 169 13.03 5.40 23.17
CA ALA C 169 13.59 4.08 23.32
C ALA C 169 14.72 3.93 24.35
N GLU C 170 15.75 4.80 24.32
CA GLU C 170 16.91 4.55 25.19
C GLU C 170 16.53 4.67 26.66
N THR C 171 15.75 5.67 27.04
CA THR C 171 15.36 5.75 28.47
C THR C 171 14.41 4.62 28.96
N VAL C 172 13.51 4.17 28.09
CA VAL C 172 12.58 3.09 28.47
C VAL C 172 13.36 1.78 28.57
N ILE C 173 14.23 1.52 27.63
CA ILE C 173 15.09 0.36 27.72
C ILE C 173 15.83 0.33 29.04
N THR C 174 16.46 1.45 29.43
CA THR C 174 17.19 1.50 30.68
C THR C 174 16.30 1.03 31.87
N ILE C 175 15.06 1.53 31.90
CA ILE C 175 14.06 1.15 32.93
C ILE C 175 13.64 -0.33 32.88
N LEU C 176 13.29 -0.81 31.68
CA LEU C 176 13.02 -2.23 31.47
C LEU C 176 14.17 -3.12 31.88
N THR C 177 15.37 -2.62 31.72
CA THR C 177 16.56 -3.40 32.06
C THR C 177 16.74 -3.55 33.57
N GLU C 178 16.32 -2.57 34.37
CA GLU C 178 16.30 -2.71 35.82
C GLU C 178 15.48 -3.93 36.22
N ALA C 179 14.34 -4.07 35.54
CA ALA C 179 13.28 -5.00 35.93
C ALA C 179 13.40 -6.37 35.26
N LEU C 180 13.84 -6.40 34.01
CA LEU C 180 13.82 -7.61 33.20
C LEU C 180 15.20 -7.87 32.61
N THR C 181 15.36 -9.04 31.97
CA THR C 181 16.64 -9.50 31.33
C THR C 181 16.55 -9.19 29.83
N GLU C 182 17.38 -8.28 29.30
CA GLU C 182 17.34 -7.99 27.85
C GLU C 182 17.90 -9.20 27.16
N VAL C 183 17.20 -9.71 26.16
CA VAL C 183 17.61 -10.88 25.39
C VAL C 183 18.11 -10.56 23.97
N GLU C 184 17.56 -9.53 23.35
CA GLU C 184 17.94 -9.17 22.01
C GLU C 184 17.65 -7.69 21.80
N ARG C 185 18.47 -7.00 21.00
CA ARG C 185 18.08 -5.64 20.55
C ARG C 185 18.34 -5.44 19.06
N VAL C 186 17.64 -4.49 18.43
CA VAL C 186 17.61 -4.36 16.97
C VAL C 186 17.47 -2.88 16.68
N GLN C 187 18.19 -2.38 15.69
CA GLN C 187 18.00 -1.00 15.26
C GLN C 187 17.42 -1.07 13.86
N CYS C 188 16.29 -0.37 13.67
CA CYS C 188 15.64 -0.25 12.37
C CYS C 188 15.66 1.22 11.90
N GLN C 189 16.26 1.50 10.72
CA GLN C 189 16.43 2.85 10.20
C GLN C 189 15.82 3.03 8.79
N GLY C 190 15.22 4.20 8.54
CA GLY C 190 14.54 4.55 7.28
C GLY C 190 15.18 5.68 6.49
N GLN C 191 14.39 6.65 6.03
CA GLN C 191 14.87 7.66 5.09
C GLN C 191 15.06 9.03 5.73
N SER C 192 14.99 9.12 7.05
CA SER C 192 15.29 10.39 7.73
C SER C 192 15.66 10.20 9.19
N ALA C 193 16.14 11.28 9.80
CA ALA C 193 16.37 11.32 11.26
C ALA C 193 15.15 10.79 12.02
N ASP C 194 13.95 11.09 11.55
CA ASP C 194 12.71 10.62 12.21
C ASP C 194 12.41 9.13 12.11
N GLU C 195 13.11 8.39 11.24
CA GLU C 195 12.87 6.95 11.09
C GLU C 195 14.10 6.23 11.60
N ASP C 196 14.16 6.07 12.93
CA ASP C 196 15.36 5.51 13.59
C ASP C 196 14.87 4.86 14.86
N CYS C 197 14.45 3.61 14.76
CA CYS C 197 13.72 2.95 15.82
C CYS C 197 14.68 1.98 16.49
N LEU C 198 14.64 1.87 17.83
CA LEU C 198 15.35 0.81 18.57
C LEU C 198 14.35 -0.18 19.10
N LEU C 199 14.55 -1.49 18.92
CA LEU C 199 13.57 -2.49 19.48
C LEU C 199 14.38 -3.40 20.40
N ALA C 200 13.78 -3.90 21.47
CA ALA C 200 14.46 -4.83 22.38
C ALA C 200 13.44 -5.86 22.88
N ARG C 201 13.89 -7.10 23.08
CA ARG C 201 13.07 -8.15 23.60
C ARG C 201 13.64 -8.46 24.97
N PHE C 202 12.77 -8.60 25.93
CA PHE C 202 13.12 -8.86 27.32
C PHE C 202 12.44 -10.13 27.82
N ARG C 203 13.13 -10.85 28.68
CA ARG C 203 12.61 -12.01 29.34
C ARG C 203 12.35 -11.74 30.84
N ASN C 204 11.21 -12.19 31.36
CA ASN C 204 10.92 -12.11 32.77
C ASN C 204 11.65 -13.23 33.52
N PRO C 205 12.60 -12.86 34.38
CA PRO C 205 13.34 -13.88 35.16
C PRO C 205 12.51 -14.54 36.28
N GLU C 206 11.36 -13.96 36.64
CA GLU C 206 10.49 -14.54 37.66
C GLU C 206 10.01 -15.92 37.21
N ARG C 207 10.00 -16.86 38.16
CA ARG C 207 9.50 -18.24 37.93
C ARG C 207 8.09 -18.55 38.52
N SER C 208 7.65 -17.75 39.51
CA SER C 208 6.31 -17.86 40.12
C SER C 208 5.21 -17.21 39.27
N SER C 209 4.00 -17.80 39.27
CA SER C 209 2.83 -17.16 38.60
C SER C 209 2.06 -16.32 39.61
N ILE C 210 2.51 -15.08 39.73
CA ILE C 210 1.96 -14.09 40.66
C ILE C 210 1.07 -13.14 39.85
N ARG C 211 -0.25 -13.28 40.04
CA ARG C 211 -1.30 -12.59 39.27
C ARG C 211 -1.63 -11.21 39.87
N PRO C 212 -1.79 -10.16 39.02
CA PRO C 212 -1.99 -8.78 39.57
C PRO C 212 -3.38 -8.48 40.21
N ASP D 30 -7.65 50.78 -6.64
CA ASP D 30 -7.35 49.31 -6.72
C ASP D 30 -7.89 48.52 -5.51
N ASP D 31 -8.26 49.24 -4.44
CA ASP D 31 -8.68 48.63 -3.15
C ASP D 31 -10.20 48.64 -2.91
N ASN D 32 -10.77 47.43 -3.02
CA ASN D 32 -12.18 47.11 -2.80
C ASN D 32 -12.37 47.04 -1.28
N PRO D 33 -13.56 47.39 -0.77
CA PRO D 33 -13.84 47.20 0.67
C PRO D 33 -13.77 45.74 1.19
N PHE D 34 -14.22 44.81 0.36
CA PHE D 34 -14.19 43.38 0.68
C PHE D 34 -12.76 42.92 0.59
N GLU D 35 -12.08 43.32 -0.47
CA GLU D 35 -10.67 43.00 -0.58
C GLU D 35 -9.84 43.50 0.61
N ARG D 36 -10.15 44.71 1.11
CA ARG D 36 -9.44 45.28 2.28
C ARG D 36 -9.64 44.37 3.51
N GLU D 37 -10.90 44.08 3.81
CA GLU D 37 -11.31 43.20 4.91
C GLU D 37 -10.70 41.81 4.84
N ARG D 38 -10.81 41.22 3.65
CA ARG D 38 -10.17 39.92 3.38
C ARG D 38 -8.68 39.95 3.67
N HIS D 39 -7.98 41.01 3.25
CA HIS D 39 -6.52 41.09 3.49
C HIS D 39 -6.21 41.31 4.99
N THR D 40 -7.07 42.06 5.66
CA THR D 40 -6.88 42.34 7.09
C THR D 40 -6.94 41.03 7.86
N GLN D 41 -7.95 40.21 7.55
CA GLN D 41 -8.06 38.89 8.17
C GLN D 41 -6.92 37.98 7.77
N LEU D 42 -6.53 37.97 6.51
CA LEU D 42 -5.40 37.15 6.11
C LEU D 42 -4.15 37.52 6.89
N LEU D 43 -3.94 38.81 7.12
CA LEU D 43 -2.69 39.28 7.73
C LEU D 43 -2.74 38.97 9.21
N ARG D 44 -3.91 39.18 9.80
CA ARG D 44 -4.16 38.90 11.21
C ARG D 44 -3.80 37.43 11.46
N LEU D 45 -4.33 36.53 10.62
CA LEU D 45 -4.00 35.13 10.78
C LEU D 45 -2.49 34.91 10.63
N SER D 46 -1.88 35.53 9.65
CA SER D 46 -0.47 35.32 9.35
C SER D 46 0.47 35.81 10.45
N LEU D 47 0.12 36.91 11.12
CA LEU D 47 0.98 37.53 12.15
C LEU D 47 0.72 36.97 13.54
N SER D 48 -0.24 36.05 13.66
CA SER D 48 -0.71 35.61 14.98
C SER D 48 0.36 35.00 15.87
N SER D 49 1.47 34.55 15.30
CA SER D 49 2.61 34.05 16.09
C SER D 49 3.80 35.04 16.16
N GLY D 50 3.54 36.31 15.86
CA GLY D 50 4.62 37.30 15.83
C GLY D 50 5.34 37.27 14.49
N ALA D 51 6.63 37.58 14.51
CA ALA D 51 7.37 37.74 13.26
C ALA D 51 7.65 36.38 12.63
N VAL D 52 7.82 36.39 11.31
CA VAL D 52 8.02 35.19 10.52
C VAL D 52 9.48 35.12 10.07
N SER D 53 10.09 33.95 10.22
CA SER D 53 11.48 33.76 9.81
C SER D 53 11.59 33.53 8.31
N ASN D 54 10.67 32.74 7.75
CA ASN D 54 10.81 32.24 6.38
C ASN D 54 9.42 32.00 5.81
N GLY D 55 8.92 32.99 5.09
CA GLY D 55 7.56 32.99 4.56
C GLY D 55 7.50 32.57 3.12
N LEU D 56 6.36 31.98 2.72
CA LEU D 56 6.04 31.68 1.33
C LEU D 56 4.62 32.19 1.03
N GLU D 57 4.50 32.99 -0.03
CA GLU D 57 3.23 33.36 -0.60
C GLU D 57 3.08 32.70 -1.95
N ILE D 58 2.00 31.91 -2.09
CA ILE D 58 1.68 31.19 -3.29
C ILE D 58 0.59 31.99 -3.98
N GLY D 59 0.97 32.65 -5.06
CA GLY D 59 0.01 33.47 -5.83
C GLY D 59 -0.14 34.89 -5.30
N CYS D 60 0.41 35.86 -6.03
CA CYS D 60 0.62 37.22 -5.53
C CYS D 60 -0.20 38.29 -6.20
N ALA D 61 -0.78 37.95 -7.35
CA ALA D 61 -1.55 38.87 -8.17
C ALA D 61 -0.68 40.10 -8.42
N ALA D 62 -1.20 41.30 -8.12
CA ALA D 62 -0.46 42.55 -8.28
C ALA D 62 0.45 42.91 -7.11
N GLY D 63 0.49 42.08 -6.08
CA GLY D 63 1.42 42.20 -4.93
C GLY D 63 0.85 43.00 -3.73
N ALA D 64 -0.46 43.23 -3.79
CA ALA D 64 -1.11 44.02 -2.76
C ALA D 64 -0.98 43.32 -1.40
N PHE D 65 -1.18 42.00 -1.36
CA PHE D 65 -0.85 41.24 -0.12
C PHE D 65 0.62 41.13 0.18
N THR D 66 1.43 40.89 -0.86
CA THR D 66 2.86 40.74 -0.71
C THR D 66 3.39 41.93 0.08
N GLU D 67 2.94 43.11 -0.33
CA GLU D 67 3.29 44.36 0.31
C GLU D 67 3.03 44.42 1.79
N LYS D 68 1.90 43.85 2.22
CA LYS D 68 1.48 43.91 3.61
C LYS D 68 2.24 42.90 4.47
N LEU D 69 2.58 41.77 3.86
CA LEU D 69 3.22 40.66 4.53
C LEU D 69 4.72 40.87 4.67
N ALA D 70 5.33 41.44 3.66
CA ALA D 70 6.79 41.48 3.56
C ALA D 70 7.56 42.15 4.74
N PRO D 71 6.97 43.20 5.39
CA PRO D 71 7.71 43.80 6.54
C PRO D 71 7.77 42.91 7.81
N HIS D 72 7.02 41.80 7.82
CA HIS D 72 6.95 40.92 8.99
C HIS D 72 7.68 39.59 8.81
N CYS D 73 8.39 39.46 7.68
CA CYS D 73 9.13 38.26 7.32
C CYS D 73 10.62 38.57 7.21
N LYS D 74 11.46 37.81 7.93
CA LYS D 74 12.89 37.95 7.77
C LYS D 74 13.26 37.67 6.34
N ARG D 75 12.67 36.61 5.78
CA ARG D 75 12.83 36.24 4.39
C ARG D 75 11.45 35.91 3.86
N LEU D 76 11.19 36.29 2.62
CA LEU D 76 9.92 35.99 1.98
C LEU D 76 10.21 35.41 0.59
N THR D 77 9.42 34.40 0.21
CA THR D 77 9.49 33.80 -1.12
C THR D 77 8.08 33.88 -1.65
N VAL D 78 7.94 34.24 -2.93
CA VAL D 78 6.64 34.40 -3.58
C VAL D 78 6.69 33.65 -4.89
N ILE D 79 5.73 32.78 -5.12
CA ILE D 79 5.63 32.10 -6.42
C ILE D 79 4.31 32.49 -7.09
N ASP D 80 4.31 32.44 -8.42
CA ASP D 80 3.05 32.62 -9.15
C ASP D 80 3.24 31.96 -10.49
N VAL D 81 2.15 31.40 -11.03
CA VAL D 81 2.21 30.72 -12.30
C VAL D 81 2.46 31.79 -13.37
N MET D 82 1.99 33.02 -13.15
CA MET D 82 2.07 34.07 -14.17
C MET D 82 3.28 34.96 -13.96
N PRO D 83 4.26 34.90 -14.89
CA PRO D 83 5.38 35.82 -14.78
C PRO D 83 4.96 37.31 -14.72
N ARG D 84 3.83 37.68 -15.34
CA ARG D 84 3.36 39.04 -15.25
C ARG D 84 3.01 39.42 -13.82
N ALA D 85 2.52 38.46 -13.04
CA ALA D 85 2.17 38.72 -11.66
C ALA D 85 3.41 38.98 -10.82
N ILE D 86 4.45 38.15 -11.02
CA ILE D 86 5.75 38.36 -10.38
C ILE D 86 6.28 39.77 -10.67
N GLY D 87 6.27 40.17 -11.95
CA GLY D 87 6.70 41.51 -12.34
C GLY D 87 5.98 42.63 -11.58
N ARG D 88 4.65 42.57 -11.54
CA ARG D 88 3.88 43.62 -10.84
C ARG D 88 4.26 43.65 -9.35
N ALA D 89 4.22 42.49 -8.70
CA ALA D 89 4.50 42.39 -7.26
C ALA D 89 5.93 42.80 -6.98
N CYS D 90 6.82 42.38 -7.86
CA CYS D 90 8.21 42.73 -7.79
C CYS D 90 8.38 44.25 -7.85
N GLN D 91 7.66 44.93 -8.76
CA GLN D 91 7.72 46.39 -8.86
C GLN D 91 7.16 47.06 -7.59
N ARG D 92 6.09 46.52 -7.06
CA ARG D 92 5.43 47.08 -5.87
C ARG D 92 6.27 47.04 -4.57
N THR D 93 6.98 45.94 -4.38
CA THR D 93 7.78 45.67 -3.19
C THR D 93 9.29 45.98 -3.41
N LYS D 94 9.57 46.88 -4.34
CA LYS D 94 10.93 47.16 -4.81
C LYS D 94 11.81 47.87 -3.75
N ARG D 95 11.15 48.45 -2.77
CA ARG D 95 11.80 48.91 -1.54
C ARG D 95 12.63 47.80 -0.91
N TRP D 96 12.05 46.60 -0.85
CA TRP D 96 12.64 45.44 -0.16
C TRP D 96 13.55 44.59 -1.03
N SER D 97 14.59 44.05 -0.38
CA SER D 97 15.57 43.20 -1.04
C SER D 97 15.52 41.75 -0.56
N HIS D 98 14.70 41.44 0.45
CA HIS D 98 14.65 40.08 1.06
C HIS D 98 13.52 39.16 0.54
N ILE D 99 12.89 39.56 -0.57
CA ILE D 99 11.90 38.72 -1.27
C ILE D 99 12.53 37.97 -2.44
N SER D 100 12.37 36.65 -2.44
CA SER D 100 12.73 35.79 -3.55
C SER D 100 11.49 35.47 -4.38
N TRP D 101 11.69 35.32 -5.68
CA TRP D 101 10.63 35.20 -6.64
C TRP D 101 10.81 33.95 -7.49
N ALA D 102 9.72 33.25 -7.77
CA ALA D 102 9.76 32.24 -8.81
C ALA D 102 8.48 32.23 -9.61
N ALA D 103 8.61 32.35 -10.94
CA ALA D 103 7.48 32.09 -11.81
C ALA D 103 7.26 30.56 -11.98
N THR D 104 6.28 30.01 -11.29
CA THR D 104 6.11 28.55 -11.34
C THR D 104 4.77 28.12 -10.77
N ASP D 105 4.25 27.01 -11.26
CA ASP D 105 2.99 26.48 -10.76
C ASP D 105 3.35 25.84 -9.42
N ILE D 106 2.46 25.91 -8.45
CA ILE D 106 2.65 25.22 -7.18
C ILE D 106 2.81 23.72 -7.39
N LEU D 107 2.24 23.21 -8.47
CA LEU D 107 2.37 21.78 -8.80
C LEU D 107 3.81 21.41 -9.21
N GLN D 108 4.55 22.36 -9.76
CA GLN D 108 5.92 22.12 -10.19
C GLN D 108 6.96 22.64 -9.19
N PHE D 109 6.52 23.28 -8.12
CA PHE D 109 7.43 23.97 -7.21
C PHE D 109 8.20 22.99 -6.32
N SER D 110 9.49 22.90 -6.56
CA SER D 110 10.37 22.06 -5.75
C SER D 110 11.32 22.99 -4.99
N THR D 111 11.50 22.72 -3.69
CA THR D 111 12.44 23.44 -2.86
C THR D 111 12.76 22.63 -1.62
N ALA D 112 14.01 22.79 -1.17
CA ALA D 112 14.47 22.20 0.08
C ALA D 112 14.12 23.10 1.28
N GLU D 113 13.68 24.34 1.00
CA GLU D 113 13.33 25.31 2.03
C GLU D 113 12.23 24.77 2.90
N LEU D 114 12.31 25.09 4.19
CA LEU D 114 11.18 24.86 5.08
C LEU D 114 10.66 26.21 5.57
N PHE D 115 9.35 26.41 5.44
CA PHE D 115 8.70 27.71 5.73
C PHE D 115 7.92 27.63 7.04
N ASP D 116 8.09 28.63 7.90
CA ASP D 116 7.29 28.71 9.11
C ASP D 116 5.94 29.37 8.85
N LEU D 117 5.80 29.99 7.69
CA LEU D 117 4.51 30.54 7.24
C LEU D 117 4.28 30.30 5.76
N ILE D 118 3.17 29.67 5.42
CA ILE D 118 2.68 29.57 4.05
C ILE D 118 1.30 30.24 3.97
N VAL D 119 1.18 31.16 3.01
CA VAL D 119 -0.05 31.87 2.74
C VAL D 119 -0.52 31.42 1.33
N VAL D 120 -1.74 30.90 1.27
CA VAL D 120 -2.29 30.35 0.03
C VAL D 120 -3.75 30.78 -0.05
N ALA D 121 -4.01 31.93 -0.67
CA ALA D 121 -5.36 32.47 -0.70
C ALA D 121 -5.82 32.73 -2.15
N GLU D 122 -6.99 32.20 -2.52
CA GLU D 122 -7.66 32.46 -3.82
C GLU D 122 -6.79 31.97 -5.01
N VAL D 123 -6.22 30.80 -4.83
CA VAL D 123 -5.37 30.19 -5.83
C VAL D 123 -5.73 28.73 -6.16
N LEU D 124 -6.07 27.88 -5.18
CA LEU D 124 -6.06 26.42 -5.41
C LEU D 124 -7.21 26.00 -6.32
N TYR D 125 -8.26 26.83 -6.32
CA TYR D 125 -9.43 26.49 -7.14
C TYR D 125 -9.17 26.56 -8.67
N TYR D 126 -8.06 27.18 -9.07
CA TYR D 126 -7.69 27.18 -10.49
C TYR D 126 -7.15 25.82 -10.94
N LEU D 127 -6.77 24.93 -10.01
CA LEU D 127 -6.30 23.61 -10.39
C LEU D 127 -7.44 22.79 -11.05
N GLU D 128 -7.05 21.87 -11.93
CA GLU D 128 -7.97 21.23 -12.89
C GLU D 128 -8.86 20.15 -12.32
N ASP D 129 -8.32 19.43 -11.33
CA ASP D 129 -8.96 18.29 -10.79
C ASP D 129 -8.45 18.04 -9.36
N MET D 130 -9.08 17.11 -8.67
CA MET D 130 -8.71 16.81 -7.27
C MET D 130 -7.39 16.05 -7.03
N THR D 131 -6.92 15.31 -8.05
CA THR D 131 -5.57 14.74 -8.04
C THR D 131 -4.53 15.87 -7.93
N GLN D 132 -4.63 16.87 -8.80
CA GLN D 132 -3.78 18.06 -8.73
C GLN D 132 -3.98 18.78 -7.40
N MET D 133 -5.22 18.94 -6.99
CA MET D 133 -5.47 19.67 -5.80
C MET D 133 -4.75 18.99 -4.61
N ARG D 134 -4.88 17.68 -4.50
CA ARG D 134 -4.21 16.91 -3.46
C ARG D 134 -2.69 16.93 -3.59
N THR D 135 -2.15 16.93 -4.80
CA THR D 135 -0.73 17.07 -5.00
C THR D 135 -0.23 18.44 -4.50
N ALA D 136 -0.96 19.52 -4.82
CA ALA D 136 -0.55 20.86 -4.37
C ALA D 136 -0.55 20.93 -2.85
N ILE D 137 -1.61 20.43 -2.22
CA ILE D 137 -1.70 20.31 -0.76
C ILE D 137 -0.54 19.47 -0.14
N ASP D 138 -0.26 18.25 -0.65
CA ASP D 138 0.94 17.51 -0.18
C ASP D 138 2.22 18.34 -0.36
N ASN D 139 2.32 19.05 -1.48
CA ASN D 139 3.53 19.80 -1.76
C ASN D 139 3.67 20.89 -0.71
N MET D 140 2.55 21.50 -0.31
CA MET D 140 2.60 22.57 0.70
C MET D 140 2.95 22.04 2.08
N VAL D 141 2.29 20.96 2.51
CA VAL D 141 2.53 20.38 3.81
C VAL D 141 3.97 19.99 3.95
N LYS D 142 4.59 19.51 2.85
CA LYS D 142 5.98 19.04 2.84
C LYS D 142 6.95 20.17 3.09
N MET D 143 6.57 21.36 2.64
CA MET D 143 7.41 22.56 2.80
C MET D 143 7.19 23.32 4.12
N LEU D 144 6.23 22.89 4.96
CA LEU D 144 5.98 23.53 6.25
C LEU D 144 6.97 23.07 7.29
N ALA D 145 7.56 24.04 7.98
CA ALA D 145 8.46 23.75 9.09
C ALA D 145 7.65 23.07 10.20
N PRO D 146 8.30 22.20 11.01
CA PRO D 146 7.60 21.72 12.18
C PRO D 146 7.11 22.89 13.02
N GLY D 147 5.85 22.85 13.43
CA GLY D 147 5.27 23.96 14.17
C GLY D 147 4.91 25.18 13.31
N GLY D 148 5.11 25.10 11.99
CA GLY D 148 4.91 26.23 11.08
C GLY D 148 3.42 26.34 10.82
N HIS D 149 2.98 27.49 10.31
CA HIS D 149 1.55 27.67 10.08
C HIS D 149 1.26 27.90 8.60
N LEU D 150 0.08 27.49 8.20
CA LEU D 150 -0.39 27.65 6.86
C LEU D 150 -1.73 28.34 6.98
N VAL D 151 -1.81 29.48 6.29
CA VAL D 151 -2.99 30.29 6.22
C VAL D 151 -3.57 30.17 4.83
N PHE D 152 -4.80 29.63 4.77
CA PHE D 152 -5.48 29.30 3.52
C PHE D 152 -6.71 30.19 3.43
N GLY D 153 -6.97 30.72 2.25
CA GLY D 153 -8.19 31.55 2.00
C GLY D 153 -8.80 31.06 0.71
N SER D 154 -10.12 31.03 0.59
CA SER D 154 -10.73 30.66 -0.70
C SER D 154 -12.20 30.99 -0.70
N ALA D 155 -12.72 31.40 -1.85
CA ALA D 155 -14.17 31.35 -2.08
C ALA D 155 -14.70 29.96 -1.73
N ARG D 156 -15.97 29.87 -1.37
CA ARG D 156 -16.54 28.57 -0.97
C ARG D 156 -16.90 27.69 -2.15
N ASP D 157 -16.98 26.39 -1.87
CA ASP D 157 -17.29 25.36 -2.87
C ASP D 157 -18.29 25.82 -3.91
N ALA D 158 -19.46 26.23 -3.47
CA ALA D 158 -20.53 26.59 -4.39
C ALA D 158 -20.08 27.71 -5.36
N THR D 159 -19.40 28.73 -4.84
CA THR D 159 -18.99 29.89 -5.67
C THR D 159 -17.96 29.41 -6.72
N CYS D 160 -17.02 28.60 -6.27
CA CYS D 160 -16.01 28.03 -7.13
C CYS D 160 -16.59 27.21 -8.29
N ARG D 161 -17.67 26.48 -7.99
CA ARG D 161 -18.33 25.66 -9.00
C ARG D 161 -19.09 26.52 -9.98
N ARG D 162 -19.76 27.57 -9.46
CA ARG D 162 -20.36 28.62 -10.33
C ARG D 162 -19.38 29.19 -11.36
N TRP D 163 -18.12 29.37 -10.95
CA TRP D 163 -17.07 29.96 -11.80
C TRP D 163 -16.44 28.92 -12.72
N GLY D 164 -16.90 27.67 -12.68
CA GLY D 164 -16.39 26.59 -13.55
C GLY D 164 -15.22 25.80 -13.01
N HIS D 165 -14.98 25.92 -11.70
CA HIS D 165 -13.90 25.21 -11.02
C HIS D 165 -14.43 24.00 -10.25
N VAL D 166 -13.49 23.20 -9.76
CA VAL D 166 -13.83 21.90 -9.18
C VAL D 166 -14.31 22.01 -7.72
N ALA D 167 -13.62 22.82 -6.94
CA ALA D 167 -13.77 22.81 -5.48
C ALA D 167 -13.20 24.09 -4.87
N GLY D 168 -13.71 24.43 -3.69
CA GLY D 168 -13.25 25.60 -2.96
C GLY D 168 -12.99 25.36 -1.48
N ALA D 169 -13.27 26.39 -0.66
CA ALA D 169 -12.74 26.42 0.72
C ALA D 169 -12.98 25.12 1.49
N GLU D 170 -14.25 24.68 1.55
CA GLU D 170 -14.64 23.57 2.42
C GLU D 170 -13.88 22.30 2.04
N THR D 171 -13.75 22.05 0.74
CA THR D 171 -13.14 20.80 0.27
C THR D 171 -11.68 20.73 0.62
N VAL D 172 -11.00 21.85 0.47
CA VAL D 172 -9.58 21.95 0.75
C VAL D 172 -9.32 21.91 2.27
N ILE D 173 -10.19 22.56 3.05
CA ILE D 173 -10.08 22.59 4.51
C ILE D 173 -10.14 21.12 5.08
N THR D 174 -10.99 20.29 4.51
CA THR D 174 -11.08 18.89 4.91
C THR D 174 -9.76 18.14 4.67
N ILE D 175 -9.11 18.41 3.52
CA ILE D 175 -7.88 17.71 3.08
C ILE D 175 -6.71 18.19 3.93
N LEU D 176 -6.62 19.50 4.18
CA LEU D 176 -5.56 20.07 5.00
C LEU D 176 -5.62 19.49 6.41
N THR D 177 -6.85 19.36 6.92
CA THR D 177 -7.13 18.87 8.28
C THR D 177 -6.68 17.38 8.46
N GLU D 178 -6.59 16.64 7.37
CA GLU D 178 -6.01 15.30 7.40
C GLU D 178 -4.54 15.35 7.85
N ALA D 179 -3.85 16.45 7.57
CA ALA D 179 -2.41 16.53 7.86
C ALA D 179 -2.05 17.54 8.96
N LEU D 180 -2.90 18.54 9.16
CA LEU D 180 -2.56 19.71 9.98
C LEU D 180 -3.65 19.94 11.00
N THR D 181 -3.33 20.67 12.06
CA THR D 181 -4.33 21.07 13.09
C THR D 181 -4.93 22.42 12.74
N GLU D 182 -6.26 22.49 12.58
CA GLU D 182 -6.91 23.79 12.24
C GLU D 182 -7.01 24.53 13.58
N VAL D 183 -6.41 25.70 13.60
CA VAL D 183 -6.30 26.51 14.81
C VAL D 183 -7.40 27.59 14.88
N GLU D 184 -7.82 28.12 13.73
CA GLU D 184 -8.80 29.21 13.69
C GLU D 184 -9.42 29.28 12.30
N ARG D 185 -10.65 29.76 12.24
CA ARG D 185 -11.36 29.83 10.96
C ARG D 185 -12.34 30.99 10.95
N VAL D 186 -12.30 31.80 9.88
CA VAL D 186 -13.18 32.95 9.75
C VAL D 186 -13.87 32.95 8.39
N GLN D 187 -15.04 33.55 8.36
CA GLN D 187 -15.83 33.72 7.15
C GLN D 187 -15.95 35.24 6.91
N CYS D 188 -15.49 35.70 5.73
CA CYS D 188 -15.67 37.10 5.26
C CYS D 188 -16.73 37.13 4.18
N GLN D 189 -17.69 38.05 4.30
CA GLN D 189 -18.66 38.30 3.24
C GLN D 189 -18.68 39.77 2.82
N GLY D 190 -18.93 40.00 1.54
CA GLY D 190 -19.09 41.36 0.99
C GLY D 190 -20.51 41.54 0.51
N GLN D 191 -20.65 42.25 -0.61
CA GLN D 191 -21.99 42.51 -1.17
C GLN D 191 -22.44 41.36 -2.10
N SER D 192 -21.64 41.04 -3.12
CA SER D 192 -21.97 39.93 -4.04
C SER D 192 -21.97 38.61 -3.28
N ALA D 193 -22.84 37.69 -3.71
CA ALA D 193 -22.72 36.29 -3.30
C ALA D 193 -21.34 35.74 -3.71
N ASP D 194 -20.68 36.45 -4.65
CA ASP D 194 -19.27 36.22 -5.03
C ASP D 194 -18.25 36.66 -4.00
N GLU D 195 -18.64 37.52 -3.06
CA GLU D 195 -17.73 37.99 -2.01
C GLU D 195 -18.04 37.18 -0.76
N ASP D 196 -17.43 36.01 -0.72
CA ASP D 196 -17.77 35.02 0.27
C ASP D 196 -16.68 34.00 0.38
N CYS D 197 -15.70 34.28 1.24
CA CYS D 197 -14.60 33.36 1.41
C CYS D 197 -14.41 32.91 2.84
N LEU D 198 -13.86 31.70 2.98
CA LEU D 198 -13.46 31.16 4.27
C LEU D 198 -11.98 31.29 4.36
N LEU D 199 -11.49 31.67 5.52
CA LEU D 199 -10.03 31.73 5.76
C LEU D 199 -9.73 30.82 6.93
N ALA D 200 -8.66 30.05 6.83
CA ALA D 200 -8.33 29.12 7.91
C ALA D 200 -6.84 29.11 8.21
N ARG D 201 -6.50 29.05 9.49
CA ARG D 201 -5.11 28.87 9.92
C ARG D 201 -4.86 27.50 10.51
N PHE D 202 -3.76 26.87 10.07
CA PHE D 202 -3.42 25.51 10.48
C PHE D 202 -2.02 25.46 11.02
N ARG D 203 -1.77 24.56 11.97
CA ARG D 203 -0.43 24.38 12.53
C ARG D 203 0.10 23.01 12.14
N ASN D 204 1.35 22.96 11.66
CA ASN D 204 2.02 21.70 11.37
C ASN D 204 2.39 20.99 12.67
N PRO D 205 1.95 19.71 12.85
CA PRO D 205 2.47 19.01 14.00
C PRO D 205 4.01 18.94 13.98
N GLU D 206 4.62 18.66 15.12
CA GLU D 206 6.07 18.56 15.19
C GLU D 206 6.58 17.35 14.42
N ARG D 207 5.88 16.22 14.55
CA ARG D 207 6.13 15.06 13.70
C ARG D 207 5.52 15.19 12.31
N SER D 208 6.38 15.15 11.29
CA SER D 208 5.95 15.23 9.90
C SER D 208 4.92 14.15 9.56
N SER D 209 3.85 14.56 8.89
CA SER D 209 2.74 13.67 8.55
C SER D 209 2.89 12.92 7.21
N ILE D 210 3.80 13.36 6.33
CA ILE D 210 3.86 12.80 4.96
C ILE D 210 4.69 11.50 4.90
#